data_8FBZ
#
_entry.id   8FBZ
#
_cell.length_a   80.834
_cell.length_b   94.051
_cell.length_c   125.122
_cell.angle_alpha   90.000
_cell.angle_beta   92.522
_cell.angle_gamma   90.000
#
_symmetry.space_group_name_H-M   'I 1 2 1'
#
loop_
_entity.id
_entity.type
_entity.pdbx_description
1 polymer 'Glutathione synthetase'
2 non-polymer 'SULFATE ION'
3 non-polymer GLYCEROL
4 water water
#
_entity_poly.entity_id   1
_entity_poly.type   'polypeptide(L)'
_entity_poly.pdbx_seq_one_letter_code
;GSHMATNWGSLLQDKQQLEELARQAVDRALAEGVLLRTSQEPTSSEVVSYAPFTLFPSLVPSALLEQAYAVQMDFNLLVD
AVSQNAAFLEQTLSSTIKQDDFTARLFDIHKQVLKEGIAQTVFLGLNRSDYMFQRSADGSPALKQIEINTISASFGGLAS
RTPAVHRHVLSVLSKTKEAGKILSNNPSKGLALGIAKAWELYGSPNALVLLIAQEKERNIFDQRAIENELLARNIHVIRR
TFEDISEKGSLDQDRRLFVDGQEIAVVYFRDGEMPRQYSLQNWEARLLLERSHAAKCPDIATQLAGTKKVQQELSRPGML
EMLLPGQPEAVARLRATFAGLYSLDVGEEGDQAIAEALAAPSRFVLKPQREGGGNNLYGEEMVQALKQLKDSEERASYIL
MEKIEPEPFENCLLRPGSPARVVQCISELGIFGVYVRQEKTLVMNKHVGHLLRTKAIEHADGGVAAGVAVLDNPYPV
;
_entity_poly.pdbx_strand_id   B,A
#
loop_
_chem_comp.id
_chem_comp.type
_chem_comp.name
_chem_comp.formula
GOL non-polymer GLYCEROL 'C3 H8 O3'
SO4 non-polymer 'SULFATE ION' 'O4 S -2'
#
# COMPACT_ATOMS: atom_id res chain seq x y z
N TRP A 8 5.67 25.44 7.12
CA TRP A 8 4.47 24.86 6.43
C TRP A 8 3.27 24.78 7.39
N GLY A 9 3.50 24.64 8.71
CA GLY A 9 2.48 24.70 9.76
C GLY A 9 1.55 25.91 9.66
N SER A 10 2.12 27.11 9.49
CA SER A 10 1.38 28.41 9.42
C SER A 10 0.29 28.39 8.35
N LEU A 11 0.41 27.52 7.34
CA LEU A 11 -0.52 27.47 6.18
C LEU A 11 -1.81 26.72 6.52
N LEU A 12 -1.92 26.14 7.72
CA LEU A 12 -3.15 25.44 8.19
C LEU A 12 -3.91 26.37 9.14
N GLN A 13 -5.08 26.87 8.70
CA GLN A 13 -5.81 27.99 9.34
C GLN A 13 -6.37 27.56 10.70
N ASP A 14 -6.71 26.28 10.85
CA ASP A 14 -7.47 25.75 12.01
C ASP A 14 -7.37 24.23 12.03
N LYS A 15 -8.07 23.57 12.95
CA LYS A 15 -8.12 22.09 13.07
C LYS A 15 -8.75 21.46 11.81
N GLN A 16 -9.68 22.17 11.16
CA GLN A 16 -10.35 21.72 9.90
C GLN A 16 -9.30 21.44 8.82
N GLN A 17 -8.42 22.42 8.54
CA GLN A 17 -7.37 22.29 7.49
C GLN A 17 -6.34 21.22 7.91
N LEU A 18 -6.00 21.16 9.19
CA LEU A 18 -5.05 20.15 9.72
C LEU A 18 -5.63 18.75 9.50
N GLU A 19 -6.90 18.55 9.83
CA GLU A 19 -7.54 17.21 9.67
C GLU A 19 -7.65 16.85 8.18
N GLU A 20 -7.87 17.83 7.31
CA GLU A 20 -7.93 17.64 5.83
C GLU A 20 -6.56 17.19 5.30
N LEU A 21 -5.49 17.87 5.71
CA LEU A 21 -4.14 17.48 5.28
C LEU A 21 -3.79 16.10 5.83
N ALA A 22 -4.19 15.81 7.07
CA ALA A 22 -3.90 14.51 7.72
C ALA A 22 -4.58 13.39 6.92
N ARG A 23 -5.79 13.66 6.40
CA ARG A 23 -6.53 12.63 5.61
C ARG A 23 -5.75 12.36 4.33
N GLN A 24 -5.25 13.41 3.68
CA GLN A 24 -4.42 13.28 2.46
C GLN A 24 -3.18 12.44 2.74
N ALA A 25 -2.49 12.74 3.85
CA ALA A 25 -1.25 12.05 4.22
C ALA A 25 -1.56 10.56 4.41
N VAL A 26 -2.58 10.26 5.20
CA VAL A 26 -2.91 8.86 5.57
C VAL A 26 -3.21 8.07 4.29
N ASP A 27 -4.03 8.61 3.39
CA ASP A 27 -4.39 7.83 2.17
C ASP A 27 -3.12 7.62 1.35
N ARG A 28 -2.23 8.59 1.26
CA ARG A 28 -0.98 8.38 0.48
C ARG A 28 -0.11 7.32 1.19
N ALA A 29 -0.01 7.37 2.52
CA ALA A 29 0.81 6.41 3.29
C ALA A 29 0.31 4.99 2.99
N LEU A 30 -1.00 4.78 3.02
CA LEU A 30 -1.59 3.45 2.74
C LEU A 30 -1.23 3.01 1.30
N ALA A 31 -1.38 3.91 0.33
CA ALA A 31 -1.10 3.59 -1.08
C ALA A 31 0.39 3.23 -1.26
N GLU A 32 1.26 3.81 -0.44
CA GLU A 32 2.73 3.58 -0.54
C GLU A 32 3.13 2.34 0.26
N GLY A 33 2.20 1.65 0.91
CA GLY A 33 2.50 0.41 1.64
C GLY A 33 3.11 0.68 3.01
N VAL A 34 2.80 1.82 3.62
CA VAL A 34 3.25 2.14 4.99
C VAL A 34 2.23 1.54 5.98
N LEU A 35 2.32 0.23 6.17
CA LEU A 35 1.24 -0.61 6.73
C LEU A 35 1.71 -1.35 7.97
N LEU A 36 0.78 -1.56 8.88
CA LEU A 36 0.85 -2.57 9.98
C LEU A 36 -0.42 -3.39 9.93
N ARG A 37 -0.35 -4.63 10.38
CA ARG A 37 -1.59 -5.32 10.77
C ARG A 37 -2.25 -4.57 11.92
N THR A 38 -3.54 -4.79 12.11
CA THR A 38 -4.29 -4.23 13.25
C THR A 38 -3.79 -4.86 14.54
N SER A 39 -3.99 -4.18 15.67
CA SER A 39 -3.64 -4.77 17.00
C SER A 39 -4.66 -5.87 17.34
N GLN A 40 -5.85 -5.81 16.74
CA GLN A 40 -6.92 -6.82 16.97
C GLN A 40 -6.55 -8.15 16.32
N GLU A 41 -5.93 -8.12 15.14
CA GLU A 41 -5.67 -9.35 14.33
C GLU A 41 -4.22 -9.35 13.88
N PRO A 42 -3.26 -9.47 14.82
CA PRO A 42 -1.84 -9.43 14.46
C PRO A 42 -1.37 -10.65 13.67
N THR A 43 -2.20 -11.70 13.55
CA THR A 43 -1.85 -12.93 12.77
C THR A 43 -2.42 -12.87 11.36
N SER A 44 -3.13 -11.79 10.99
CA SER A 44 -3.97 -11.79 9.77
C SER A 44 -3.79 -10.51 8.99
N SER A 45 -3.64 -10.62 7.67
CA SER A 45 -3.61 -9.46 6.75
C SER A 45 -5.00 -9.19 6.15
N GLU A 46 -6.08 -9.76 6.71
CA GLU A 46 -7.43 -9.57 6.13
C GLU A 46 -7.93 -8.15 6.42
N VAL A 47 -7.30 -7.49 7.38
CA VAL A 47 -7.43 -6.02 7.58
C VAL A 47 -6.06 -5.49 7.99
N VAL A 48 -5.81 -4.22 7.69
CA VAL A 48 -4.54 -3.52 7.98
C VAL A 48 -4.86 -2.08 8.38
N SER A 49 -3.90 -1.45 9.00
CA SER A 49 -3.92 0.01 9.25
C SER A 49 -2.65 0.62 8.68
N TYR A 50 -2.52 1.92 8.80
CA TYR A 50 -1.23 2.57 8.45
C TYR A 50 -0.30 2.49 9.67
N ALA A 51 1.00 2.42 9.40
CA ALA A 51 2.03 2.59 10.46
C ALA A 51 2.03 4.07 10.85
N PRO A 52 1.90 4.41 12.15
CA PRO A 52 1.93 5.80 12.56
C PRO A 52 3.15 6.56 12.03
N PHE A 53 2.92 7.80 11.63
CA PHE A 53 3.97 8.63 10.99
C PHE A 53 3.65 10.10 11.22
N THR A 54 4.64 10.96 11.02
CA THR A 54 4.47 12.42 11.16
C THR A 54 3.77 13.02 9.93
N LEU A 55 2.93 14.01 10.15
CA LEU A 55 2.32 14.78 9.03
C LEU A 55 3.43 15.43 8.21
N PHE A 56 4.43 16.00 8.88
CA PHE A 56 5.54 16.71 8.21
C PHE A 56 6.88 16.04 8.53
N PRO A 57 7.88 16.17 7.63
CA PRO A 57 9.24 15.74 7.95
C PRO A 57 9.81 16.74 8.98
N SER A 58 10.47 16.24 9.99
CA SER A 58 11.07 17.05 11.09
C SER A 58 12.44 17.59 10.67
N LEU A 59 12.76 18.82 11.08
CA LEU A 59 14.05 19.44 10.74
C LEU A 59 15.17 18.72 11.49
N VAL A 60 16.24 18.39 10.77
CA VAL A 60 17.45 17.75 11.36
C VAL A 60 18.67 18.45 10.76
N PRO A 61 19.56 18.99 11.62
CA PRO A 61 20.82 19.56 11.16
C PRO A 61 21.65 18.53 10.39
N SER A 62 22.01 18.89 9.15
CA SER A 62 22.77 18.04 8.21
C SER A 62 24.04 17.51 8.89
N ALA A 63 24.71 18.31 9.73
CA ALA A 63 26.00 17.90 10.34
C ALA A 63 25.78 16.68 11.23
N LEU A 64 24.65 16.63 11.95
CA LEU A 64 24.34 15.53 12.90
C LEU A 64 24.02 14.26 12.12
N LEU A 65 23.26 14.39 11.04
CA LEU A 65 22.92 13.23 10.17
C LEU A 65 24.23 12.71 9.58
N GLU A 66 25.10 13.61 9.13
CA GLU A 66 26.40 13.23 8.51
C GLU A 66 27.24 12.50 9.56
N GLN A 67 27.30 13.01 10.78
CA GLN A 67 28.10 12.38 11.86
C GLN A 67 27.58 10.97 12.14
N ALA A 68 26.26 10.79 12.22
CA ALA A 68 25.65 9.46 12.48
C ALA A 68 26.02 8.49 11.35
N TYR A 69 25.92 8.92 10.09
CA TYR A 69 26.35 8.06 8.96
C TYR A 69 27.84 7.71 9.10
N ALA A 70 28.68 8.67 9.50
CA ALA A 70 30.16 8.56 9.44
C ALA A 70 30.69 7.57 10.48
N VAL A 71 29.91 7.26 11.51
CA VAL A 71 30.35 6.34 12.60
C VAL A 71 29.71 4.96 12.45
N GLN A 72 28.82 4.74 11.48
CA GLN A 72 28.12 3.43 11.38
C GLN A 72 29.13 2.30 11.12
N MET A 73 30.07 2.48 10.20
CA MET A 73 31.03 1.40 9.88
C MET A 73 31.88 1.10 11.11
N ASP A 74 32.18 2.10 11.95
CA ASP A 74 32.89 1.90 13.23
C ASP A 74 32.03 1.04 14.17
N PHE A 75 30.75 1.35 14.32
CA PHE A 75 29.86 0.55 15.18
C PHE A 75 29.77 -0.90 14.66
N ASN A 76 29.70 -1.09 13.35
CA ASN A 76 29.68 -2.45 12.76
C ASN A 76 30.95 -3.20 13.18
N LEU A 77 32.14 -2.59 13.05
CA LEU A 77 33.42 -3.22 13.46
C LEU A 77 33.38 -3.52 14.96
N LEU A 78 32.87 -2.59 15.77
CA LEU A 78 32.88 -2.74 17.25
C LEU A 78 31.98 -3.91 17.65
N VAL A 79 30.77 -3.97 17.13
CA VAL A 79 29.85 -5.06 17.52
C VAL A 79 30.45 -6.39 17.08
N ASP A 80 31.00 -6.47 15.86
CA ASP A 80 31.59 -7.73 15.36
C ASP A 80 32.80 -8.12 16.22
N ALA A 81 33.61 -7.14 16.64
CA ALA A 81 34.80 -7.39 17.50
C ALA A 81 34.33 -7.95 18.85
N VAL A 82 33.32 -7.34 19.44
CA VAL A 82 32.74 -7.81 20.73
C VAL A 82 32.25 -9.25 20.59
N SER A 83 31.58 -9.55 19.48
CA SER A 83 30.93 -10.87 19.26
C SER A 83 32.00 -11.96 19.23
N GLN A 84 33.20 -11.62 18.80
CA GLN A 84 34.31 -12.58 18.61
C GLN A 84 35.20 -12.66 19.85
N ASN A 85 34.91 -11.91 20.91
CA ASN A 85 35.80 -11.81 22.10
C ASN A 85 35.10 -12.50 23.28
N ALA A 86 35.31 -13.81 23.41
CA ALA A 86 34.61 -14.64 24.43
C ALA A 86 34.96 -14.11 25.83
N ALA A 87 36.21 -13.74 26.09
CA ALA A 87 36.65 -13.30 27.44
C ALA A 87 35.93 -11.99 27.80
N PHE A 88 35.87 -11.04 26.86
CA PHE A 88 35.17 -9.75 27.06
C PHE A 88 33.71 -10.01 27.41
N LEU A 89 33.01 -10.84 26.64
CA LEU A 89 31.58 -11.13 26.89
C LEU A 89 31.40 -11.75 28.27
N GLU A 90 32.23 -12.71 28.64
CA GLU A 90 32.07 -13.45 29.92
C GLU A 90 32.33 -12.52 31.11
N GLN A 91 33.42 -11.76 31.05
CA GLN A 91 33.79 -10.80 32.13
C GLN A 91 32.68 -9.74 32.26
N THR A 92 32.18 -9.22 31.14
CA THR A 92 31.15 -8.15 31.14
C THR A 92 29.84 -8.66 31.73
N LEU A 93 29.43 -9.88 31.39
CA LEU A 93 28.06 -10.33 31.69
C LEU A 93 28.01 -11.25 32.92
N SER A 94 29.13 -11.52 33.58
CA SER A 94 29.20 -12.56 34.64
CA SER A 94 29.21 -12.55 34.66
C SER A 94 28.16 -12.28 35.74
N SER A 95 28.07 -11.03 36.25
CA SER A 95 27.10 -10.65 37.31
C SER A 95 25.68 -10.67 36.75
N THR A 96 25.48 -10.19 35.52
CA THR A 96 24.16 -10.13 34.84
C THR A 96 23.56 -11.54 34.73
N ILE A 97 24.34 -12.54 34.31
CA ILE A 97 23.81 -13.90 34.02
C ILE A 97 23.42 -14.57 35.34
N LYS A 98 23.96 -14.12 36.48
CA LYS A 98 23.60 -14.68 37.81
C LYS A 98 22.20 -14.21 38.22
N GLN A 99 21.75 -13.06 37.70
CA GLN A 99 20.50 -12.39 38.13
C GLN A 99 19.41 -12.53 37.07
N ASP A 100 19.77 -12.37 35.80
CA ASP A 100 18.80 -12.24 34.68
C ASP A 100 18.74 -13.56 33.91
N ASP A 101 17.61 -14.27 34.04
CA ASP A 101 17.35 -15.59 33.41
C ASP A 101 17.53 -15.51 31.89
N PHE A 102 17.00 -14.45 31.27
CA PHE A 102 17.04 -14.25 29.81
C PHE A 102 18.50 -14.19 29.33
N THR A 103 19.30 -13.31 29.93
CA THR A 103 20.74 -13.17 29.56
C THR A 103 21.47 -14.50 29.84
N ALA A 104 21.15 -15.19 30.94
CA ALA A 104 21.75 -16.49 31.28
C ALA A 104 21.49 -17.49 30.16
N ARG A 105 20.27 -17.53 29.66
CA ARG A 105 19.86 -18.52 28.62
C ARG A 105 20.57 -18.16 27.30
N LEU A 106 20.62 -16.89 26.93
CA LEU A 106 21.35 -16.48 25.70
C LEU A 106 22.82 -16.89 25.85
N PHE A 107 23.41 -16.57 27.00
CA PHE A 107 24.84 -16.87 27.28
C PHE A 107 25.10 -18.37 27.24
N ASP A 108 24.18 -19.18 27.78
CA ASP A 108 24.33 -20.65 27.80
C ASP A 108 24.38 -21.18 26.36
N ILE A 109 23.56 -20.64 25.45
CA ILE A 109 23.62 -21.08 24.03
C ILE A 109 24.97 -20.68 23.45
N HIS A 110 25.42 -19.45 23.70
CA HIS A 110 26.74 -18.93 23.29
C HIS A 110 27.86 -19.88 23.77
N LYS A 111 27.82 -20.24 25.05
CA LYS A 111 28.84 -21.14 25.66
C LYS A 111 28.80 -22.51 24.97
N GLN A 112 27.60 -23.05 24.72
CA GLN A 112 27.42 -24.43 24.18
C GLN A 112 28.03 -24.47 22.78
N VAL A 113 27.77 -23.45 21.96
CA VAL A 113 28.24 -23.46 20.55
CA VAL A 113 28.25 -23.48 20.54
C VAL A 113 29.76 -23.21 20.54
N LEU A 114 30.26 -22.37 21.45
CA LEU A 114 31.73 -22.14 21.58
C LEU A 114 32.39 -23.47 21.94
N LYS A 115 31.80 -24.22 22.88
CA LYS A 115 32.34 -25.52 23.33
C LYS A 115 32.37 -26.53 22.17
N GLU A 116 31.26 -26.69 21.46
CA GLU A 116 31.09 -27.67 20.36
C GLU A 116 31.97 -27.25 19.17
N GLY A 117 32.17 -25.95 18.98
CA GLY A 117 32.81 -25.37 17.78
C GLY A 117 31.76 -24.76 16.87
N ILE A 118 32.04 -23.56 16.38
CA ILE A 118 31.12 -22.80 15.49
C ILE A 118 31.01 -23.54 14.17
N ALA A 119 29.78 -23.83 13.73
CA ALA A 119 29.52 -24.62 12.51
C ALA A 119 29.55 -23.71 11.27
N GLN A 120 29.01 -22.50 11.36
CA GLN A 120 28.94 -21.59 10.20
C GLN A 120 30.33 -21.01 9.91
N THR A 121 30.54 -20.64 8.64
CA THR A 121 31.76 -19.93 8.18
C THR A 121 31.39 -18.56 7.61
N VAL A 122 30.10 -18.21 7.67
CA VAL A 122 29.53 -16.95 7.12
C VAL A 122 28.84 -16.26 8.28
N PHE A 123 29.18 -15.00 8.48
CA PHE A 123 28.67 -14.17 9.60
C PHE A 123 28.14 -12.88 9.02
N LEU A 124 27.06 -12.37 9.60
CA LEU A 124 26.55 -11.06 9.16
C LEU A 124 25.80 -10.38 10.29
N GLY A 125 25.71 -9.06 10.15
CA GLY A 125 24.87 -8.22 11.02
C GLY A 125 24.07 -7.26 10.19
N LEU A 126 22.79 -7.20 10.47
CA LEU A 126 21.90 -6.09 10.07
C LEU A 126 21.55 -5.42 11.38
N ASN A 127 21.89 -4.15 11.53
CA ASN A 127 21.68 -3.49 12.84
C ASN A 127 21.11 -2.08 12.64
N ARG A 128 20.77 -1.43 13.74
CA ARG A 128 20.34 -0.01 13.70
C ARG A 128 20.92 0.67 14.93
N SER A 129 21.76 1.67 14.71
CA SER A 129 22.33 2.48 15.80
C SER A 129 21.47 3.73 15.96
N ASP A 130 20.91 3.92 17.15
CA ASP A 130 19.93 5.00 17.49
C ASP A 130 20.61 6.10 18.31
N TYR A 131 20.30 7.36 17.95
CA TYR A 131 20.87 8.59 18.56
C TYR A 131 19.76 9.55 18.92
N MET A 132 20.07 10.41 19.89
CA MET A 132 19.30 11.65 20.14
C MET A 132 20.24 12.85 20.06
N PHE A 133 19.67 14.04 19.90
CA PHE A 133 20.43 15.29 19.74
C PHE A 133 20.45 16.00 21.10
N GLN A 134 21.53 15.82 21.86
CA GLN A 134 21.67 16.42 23.22
C GLN A 134 21.90 17.92 23.06
N ARG A 135 21.19 18.73 23.85
CA ARG A 135 21.52 20.17 24.01
C ARG A 135 22.84 20.23 24.81
N SER A 136 23.90 20.80 24.22
CA SER A 136 25.27 20.84 24.80
C SER A 136 25.44 22.06 25.72
N SER A 140 24.23 24.21 21.39
CA SER A 140 24.33 23.46 20.11
C SER A 140 23.99 21.99 20.35
N PRO A 141 23.30 21.31 19.41
CA PRO A 141 22.98 19.89 19.59
C PRO A 141 24.23 19.00 19.39
N ALA A 142 24.34 17.93 20.19
CA ALA A 142 25.40 16.92 20.07
C ALA A 142 24.78 15.53 19.86
N LEU A 143 25.34 14.76 18.93
CA LEU A 143 24.87 13.38 18.64
C LEU A 143 25.25 12.44 19.78
N LYS A 144 24.27 11.82 20.44
CA LYS A 144 24.55 10.84 21.52
C LYS A 144 23.75 9.57 21.29
N GLN A 145 24.42 8.43 21.46
CA GLN A 145 23.82 7.11 21.20
C GLN A 145 22.87 6.71 22.34
N ILE A 146 21.68 6.24 21.98
CA ILE A 146 20.71 5.62 22.92
C ILE A 146 21.05 4.13 23.04
N GLU A 147 21.22 3.47 21.90
CA GLU A 147 21.52 2.02 21.87
C GLU A 147 21.82 1.62 20.44
N ILE A 148 22.37 0.43 20.28
CA ILE A 148 22.46 -0.23 18.96
C ILE A 148 21.67 -1.54 19.02
N ASN A 149 20.81 -1.73 18.03
CA ASN A 149 19.87 -2.87 17.93
C ASN A 149 20.53 -3.90 17.03
N THR A 150 20.98 -5.02 17.61
CA THR A 150 21.74 -6.04 16.84
C THR A 150 20.85 -7.24 16.56
N ILE A 151 19.61 -7.28 17.06
CA ILE A 151 18.64 -8.34 16.66
C ILE A 151 17.33 -7.67 16.26
N SER A 152 16.73 -8.15 15.17
CA SER A 152 15.44 -7.67 14.65
C SER A 152 15.46 -6.14 14.51
N ALA A 153 16.47 -5.59 13.85
CA ALA A 153 16.58 -4.14 13.54
C ALA A 153 15.42 -3.80 12.60
N SER A 154 14.48 -2.98 13.08
CA SER A 154 13.15 -2.81 12.45
C SER A 154 13.03 -1.49 11.67
N PHE A 155 12.04 -1.49 10.77
CA PHE A 155 11.44 -0.34 10.06
C PHE A 155 12.31 0.12 8.88
N GLY A 156 13.31 -0.65 8.48
CA GLY A 156 14.03 -0.36 7.24
C GLY A 156 13.13 -0.51 6.02
N GLY A 157 12.13 -1.38 6.07
CA GLY A 157 11.19 -1.56 4.95
C GLY A 157 10.26 -0.37 4.86
N LEU A 158 9.57 -0.05 5.95
CA LEU A 158 8.60 1.05 5.91
C LEU A 158 9.34 2.37 5.70
N ALA A 159 10.58 2.50 6.21
CA ALA A 159 11.34 3.77 6.06
C ALA A 159 11.61 4.03 4.58
N SER A 160 11.64 2.99 3.75
CA SER A 160 11.89 3.13 2.29
C SER A 160 10.65 3.68 1.58
N ARG A 161 9.50 3.71 2.26
CA ARG A 161 8.20 4.03 1.65
C ARG A 161 7.67 5.40 2.08
N THR A 162 8.16 5.97 3.18
CA THR A 162 7.58 7.22 3.74
C THR A 162 8.09 8.48 3.04
N PRO A 163 9.28 8.55 2.37
CA PRO A 163 9.65 9.79 1.71
C PRO A 163 8.58 10.32 0.74
N ALA A 164 7.97 9.44 -0.06
CA ALA A 164 6.91 9.79 -1.02
C ALA A 164 5.73 10.44 -0.28
N VAL A 165 5.43 9.98 0.95
CA VAL A 165 4.27 10.52 1.72
C VAL A 165 4.56 11.97 2.11
N HIS A 166 5.74 12.24 2.63
CA HIS A 166 6.13 13.63 2.99
C HIS A 166 6.24 14.50 1.74
N ARG A 167 6.72 13.97 0.60
CA ARG A 167 6.75 14.75 -0.65
C ARG A 167 5.30 15.12 -1.02
N HIS A 168 4.37 14.20 -0.84
CA HIS A 168 2.94 14.42 -1.19
C HIS A 168 2.37 15.56 -0.33
N VAL A 169 2.59 15.49 0.97
CA VAL A 169 2.01 16.48 1.91
C VAL A 169 2.57 17.87 1.58
N LEU A 170 3.87 18.00 1.38
CA LEU A 170 4.48 19.31 1.06
C LEU A 170 3.94 19.79 -0.30
N SER A 171 3.81 18.90 -1.28
CA SER A 171 3.25 19.23 -2.62
C SER A 171 1.79 19.72 -2.55
N VAL A 172 0.95 19.16 -1.67
CA VAL A 172 -0.45 19.62 -1.49
C VAL A 172 -0.43 21.10 -1.09
N LEU A 173 0.58 21.50 -0.31
CA LEU A 173 0.72 22.90 0.17
C LEU A 173 1.48 23.75 -0.83
N SER A 174 1.78 23.23 -2.03
CA SER A 174 2.49 23.92 -3.13
C SER A 174 3.95 24.20 -2.72
N LYS A 175 4.51 23.40 -1.81
CA LYS A 175 5.91 23.57 -1.37
C LYS A 175 6.74 22.54 -2.14
N THR A 176 6.84 22.70 -3.45
CA THR A 176 7.45 21.68 -4.35
C THR A 176 8.98 21.73 -4.26
N LYS A 177 9.57 22.91 -4.05
CA LYS A 177 11.03 23.04 -3.79
C LYS A 177 11.38 22.21 -2.55
N GLU A 178 10.61 22.39 -1.48
CA GLU A 178 10.83 21.73 -0.17
C GLU A 178 10.57 20.23 -0.32
N ALA A 179 9.53 19.82 -1.05
CA ALA A 179 9.27 18.38 -1.30
C ALA A 179 10.50 17.76 -1.95
N GLY A 180 11.18 18.46 -2.86
CA GLY A 180 12.38 17.92 -3.54
C GLY A 180 13.57 17.76 -2.60
N LYS A 181 13.62 18.46 -1.47
CA LYS A 181 14.79 18.42 -0.57
C LYS A 181 14.69 17.21 0.36
N ILE A 182 13.51 16.58 0.49
CA ILE A 182 13.38 15.34 1.31
C ILE A 182 14.40 14.32 0.76
N LEU A 183 15.11 13.64 1.65
CA LEU A 183 16.18 12.70 1.25
C LEU A 183 15.57 11.37 0.82
N SER A 184 15.99 10.86 -0.32
CA SER A 184 15.71 9.46 -0.73
CA SER A 184 15.70 9.46 -0.73
C SER A 184 16.29 8.54 0.35
N ASN A 185 15.65 7.41 0.57
CA ASN A 185 16.04 6.49 1.66
C ASN A 185 15.51 5.12 1.28
N ASN A 186 16.40 4.14 1.14
CA ASN A 186 15.99 2.77 0.76
C ASN A 186 16.80 1.75 1.55
N PRO A 187 16.72 1.77 2.90
CA PRO A 187 17.47 0.81 3.70
C PRO A 187 17.07 -0.63 3.40
N SER A 188 15.81 -0.91 3.05
CA SER A 188 15.40 -2.32 2.81
C SER A 188 16.25 -2.94 1.68
N LYS A 189 16.60 -2.19 0.65
CA LYS A 189 17.49 -2.73 -0.41
C LYS A 189 18.84 -3.14 0.19
N GLY A 190 19.48 -2.25 0.95
CA GLY A 190 20.79 -2.53 1.57
C GLY A 190 20.73 -3.68 2.57
N LEU A 191 19.69 -3.72 3.39
CA LEU A 191 19.53 -4.81 4.37
C LEU A 191 19.39 -6.15 3.62
N ALA A 192 18.56 -6.19 2.59
CA ALA A 192 18.37 -7.41 1.78
C ALA A 192 19.71 -7.82 1.14
N LEU A 193 20.47 -6.85 0.64
CA LEU A 193 21.76 -7.14 -0.05
C LEU A 193 22.76 -7.74 0.94
N GLY A 194 22.69 -7.43 2.24
CA GLY A 194 23.52 -8.11 3.24
C GLY A 194 23.17 -9.59 3.33
N ILE A 195 21.89 -9.89 3.47
CA ILE A 195 21.39 -11.29 3.51
C ILE A 195 21.79 -11.97 2.19
N ALA A 196 21.63 -11.28 1.06
CA ALA A 196 21.91 -11.89 -0.27
C ALA A 196 23.39 -12.24 -0.34
N LYS A 197 24.27 -11.37 0.16
CA LYS A 197 25.73 -11.65 0.16
C LYS A 197 26.02 -12.88 1.02
N ALA A 198 25.43 -12.97 2.21
CA ALA A 198 25.63 -14.12 3.12
C ALA A 198 25.10 -15.37 2.44
N TRP A 199 23.96 -15.29 1.76
CA TRP A 199 23.37 -16.44 1.02
C TRP A 199 24.35 -16.90 -0.08
N GLU A 200 24.92 -15.98 -0.83
CA GLU A 200 25.89 -16.29 -1.91
C GLU A 200 27.08 -17.01 -1.29
N LEU A 201 27.61 -16.49 -0.20
CA LEU A 201 28.83 -17.06 0.43
C LEU A 201 28.54 -18.44 1.03
N TYR A 202 27.32 -18.70 1.49
CA TYR A 202 26.97 -20.01 2.08
C TYR A 202 27.21 -21.13 1.06
N GLY A 203 26.90 -20.87 -0.21
CA GLY A 203 27.29 -21.73 -1.35
C GLY A 203 26.33 -22.88 -1.60
N SER A 204 25.02 -22.63 -1.52
CA SER A 204 23.97 -23.60 -1.92
C SER A 204 22.92 -22.87 -2.76
N PRO A 205 23.02 -22.94 -4.10
CA PRO A 205 22.07 -22.28 -4.99
C PRO A 205 20.59 -22.52 -4.70
N ASN A 206 20.24 -23.68 -4.13
CA ASN A 206 18.83 -24.08 -3.88
C ASN A 206 18.45 -23.82 -2.42
N ALA A 207 19.36 -23.29 -1.60
CA ALA A 207 19.06 -23.10 -0.16
C ALA A 207 18.18 -21.87 0.03
N LEU A 208 17.41 -21.87 1.12
CA LEU A 208 16.45 -20.78 1.43
C LEU A 208 17.04 -19.83 2.48
N VAL A 209 16.45 -18.66 2.58
CA VAL A 209 16.58 -17.80 3.77
C VAL A 209 15.41 -18.13 4.70
N LEU A 210 15.72 -18.41 5.95
CA LEU A 210 14.70 -18.70 6.98
C LEU A 210 14.49 -17.43 7.80
N LEU A 211 13.27 -16.89 7.79
CA LEU A 211 12.96 -15.68 8.56
C LEU A 211 12.14 -16.13 9.76
N ILE A 212 12.72 -15.98 10.95
CA ILE A 212 12.06 -16.40 12.20
C ILE A 212 11.18 -15.25 12.68
N ALA A 213 9.88 -15.48 12.78
CA ALA A 213 8.90 -14.46 13.20
C ALA A 213 7.79 -15.14 13.97
N GLN A 214 7.22 -14.46 14.97
CA GLN A 214 6.08 -15.06 15.69
C GLN A 214 4.85 -14.91 14.79
N GLU A 215 3.82 -15.71 15.04
CA GLU A 215 2.54 -15.66 14.28
C GLU A 215 1.90 -14.28 14.50
N LYS A 216 1.89 -13.80 15.74
CA LYS A 216 1.37 -12.45 16.07
C LYS A 216 2.45 -11.44 15.68
N GLU A 217 2.34 -10.83 14.51
CA GLU A 217 3.39 -9.93 13.97
C GLU A 217 2.71 -8.77 13.25
N ARG A 218 2.48 -7.66 13.96
CA ARG A 218 1.85 -6.47 13.33
C ARG A 218 2.79 -5.91 12.25
N ASN A 219 4.10 -6.09 12.39
CA ASN A 219 5.08 -5.42 11.50
C ASN A 219 5.46 -6.34 10.33
N ILE A 220 4.56 -7.18 9.86
CA ILE A 220 4.90 -8.18 8.80
C ILE A 220 5.27 -7.47 7.48
N PHE A 221 4.69 -6.31 7.19
CA PHE A 221 4.91 -5.64 5.88
C PHE A 221 6.35 -5.13 5.83
N ASP A 222 6.86 -4.64 6.96
CA ASP A 222 8.28 -4.21 7.06
C ASP A 222 9.20 -5.39 6.72
N GLN A 223 8.89 -6.57 7.24
CA GLN A 223 9.65 -7.83 6.99
C GLN A 223 9.47 -8.30 5.54
N ARG A 224 8.27 -8.22 5.00
CA ARG A 224 8.01 -8.62 3.60
C ARG A 224 8.82 -7.73 2.64
N ALA A 225 9.12 -6.49 3.01
CA ALA A 225 9.92 -5.61 2.13
C ALA A 225 11.27 -6.27 1.85
N ILE A 226 11.93 -6.78 2.90
CA ILE A 226 13.23 -7.47 2.74
C ILE A 226 13.05 -8.72 1.86
N GLU A 227 11.98 -9.48 2.10
CA GLU A 227 11.67 -10.68 1.31
CA GLU A 227 11.68 -10.69 1.30
C GLU A 227 11.49 -10.31 -0.17
N ASN A 228 10.78 -9.21 -0.44
CA ASN A 228 10.48 -8.77 -1.84
C ASN A 228 11.81 -8.48 -2.54
N GLU A 229 12.74 -7.82 -1.83
CA GLU A 229 14.06 -7.48 -2.41
C GLU A 229 14.82 -8.78 -2.70
N LEU A 230 14.76 -9.78 -1.81
CA LEU A 230 15.46 -11.06 -2.05
C LEU A 230 14.79 -11.79 -3.21
N LEU A 231 13.48 -11.74 -3.30
CA LEU A 231 12.78 -12.46 -4.40
C LEU A 231 13.23 -11.90 -5.76
N ALA A 232 13.42 -10.60 -5.84
CA ALA A 232 13.87 -9.88 -7.07
C ALA A 232 15.23 -10.41 -7.51
N ARG A 233 15.98 -11.01 -6.59
CA ARG A 233 17.32 -11.60 -6.83
C ARG A 233 17.25 -13.14 -6.84
N ASN A 234 16.05 -13.71 -6.96
CA ASN A 234 15.79 -15.16 -7.10
C ASN A 234 16.22 -15.88 -5.81
N ILE A 235 16.17 -15.18 -4.68
CA ILE A 235 16.46 -15.81 -3.37
C ILE A 235 15.14 -15.91 -2.63
N HIS A 236 14.81 -17.09 -2.16
CA HIS A 236 13.49 -17.39 -1.57
C HIS A 236 13.59 -17.41 -0.05
N VAL A 237 12.53 -16.91 0.58
CA VAL A 237 12.37 -16.85 2.05
C VAL A 237 11.22 -17.78 2.47
N ILE A 238 11.41 -18.53 3.56
CA ILE A 238 10.29 -19.15 4.31
C ILE A 238 10.20 -18.49 5.68
N ARG A 239 8.99 -18.13 6.09
CA ARG A 239 8.71 -17.56 7.43
C ARG A 239 8.30 -18.70 8.36
N ARG A 240 8.98 -18.83 9.51
CA ARG A 240 8.66 -19.89 10.49
C ARG A 240 8.78 -19.34 11.90
N THR A 241 8.01 -19.90 12.81
CA THR A 241 8.14 -19.60 14.24
C THR A 241 9.21 -20.51 14.87
N PHE A 242 9.68 -20.14 16.05
CA PHE A 242 10.51 -21.06 16.85
C PHE A 242 9.79 -22.39 17.04
N GLU A 243 8.48 -22.38 17.28
CA GLU A 243 7.74 -23.65 17.49
C GLU A 243 7.82 -24.51 16.23
N ASP A 244 7.69 -23.90 15.03
CA ASP A 244 7.84 -24.61 13.73
C ASP A 244 9.22 -25.26 13.66
N ILE A 245 10.26 -24.57 14.09
CA ILE A 245 11.64 -25.13 14.06
C ILE A 245 11.73 -26.29 15.05
N SER A 246 11.16 -26.17 16.24
CA SER A 246 11.16 -27.29 17.23
CA SER A 246 11.18 -27.29 17.24
C SER A 246 10.55 -28.54 16.60
N GLU A 247 9.45 -28.36 15.87
CA GLU A 247 8.64 -29.47 15.29
C GLU A 247 9.33 -30.07 14.08
N LYS A 248 9.94 -29.24 13.21
CA LYS A 248 10.24 -29.59 11.81
C LYS A 248 11.73 -29.40 11.48
N GLY A 249 12.47 -28.62 12.27
CA GLY A 249 13.88 -28.33 11.98
C GLY A 249 14.77 -29.47 12.42
N SER A 250 15.80 -29.78 11.62
CA SER A 250 16.84 -30.71 12.10
C SER A 250 18.12 -30.52 11.30
N LEU A 251 19.19 -31.04 11.86
CA LEU A 251 20.55 -30.95 11.29
C LEU A 251 20.92 -32.31 10.68
N ASP A 252 21.65 -32.27 9.58
CA ASP A 252 22.30 -33.47 8.99
C ASP A 252 23.66 -33.67 9.69
N GLN A 253 24.43 -34.67 9.25
CA GLN A 253 25.70 -35.07 9.89
C GLN A 253 26.71 -33.92 9.86
N ASP A 254 26.63 -33.00 8.89
CA ASP A 254 27.55 -31.84 8.76
C ASP A 254 26.91 -30.59 9.37
N ARG A 255 25.86 -30.75 10.19
CA ARG A 255 25.12 -29.68 10.91
C ARG A 255 24.44 -28.73 9.92
N ARG A 256 24.22 -29.16 8.68
CA ARG A 256 23.35 -28.37 7.74
C ARG A 256 21.90 -28.44 8.24
N LEU A 257 21.24 -27.29 8.22
CA LEU A 257 19.87 -27.08 8.75
C LEU A 257 18.86 -27.37 7.65
N PHE A 258 17.88 -28.21 7.94
CA PHE A 258 16.79 -28.54 6.99
C PHE A 258 15.44 -28.25 7.65
N VAL A 259 14.60 -27.53 6.93
CA VAL A 259 13.19 -27.30 7.37
C VAL A 259 12.28 -27.73 6.22
N ASP A 260 11.36 -28.66 6.47
CA ASP A 260 10.44 -29.16 5.42
C ASP A 260 11.28 -29.70 4.25
N GLY A 261 12.43 -30.33 4.53
CA GLY A 261 13.33 -30.96 3.55
C GLY A 261 14.20 -29.96 2.78
N GLN A 262 14.07 -28.65 3.07
CA GLN A 262 14.77 -27.56 2.34
C GLN A 262 16.01 -27.11 3.13
N GLU A 263 17.15 -26.95 2.47
CA GLU A 263 18.37 -26.49 3.16
C GLU A 263 18.24 -24.99 3.47
N ILE A 264 18.71 -24.59 4.64
CA ILE A 264 18.70 -23.17 5.07
C ILE A 264 20.13 -22.61 5.03
N ALA A 265 20.35 -21.52 4.28
CA ALA A 265 21.67 -20.82 4.16
C ALA A 265 21.82 -19.72 5.23
N VAL A 266 20.72 -19.01 5.53
CA VAL A 266 20.75 -17.81 6.40
C VAL A 266 19.52 -17.87 7.28
N VAL A 267 19.73 -17.71 8.58
CA VAL A 267 18.63 -17.58 9.58
C VAL A 267 18.55 -16.10 9.93
N TYR A 268 17.45 -15.47 9.58
CA TYR A 268 17.23 -14.02 9.77
C TYR A 268 16.21 -13.86 10.89
N PHE A 269 16.66 -13.38 12.03
CA PHE A 269 15.77 -13.28 13.21
C PHE A 269 14.95 -12.00 13.16
N ARG A 270 13.64 -12.16 13.27
CA ARG A 270 12.68 -11.07 13.51
C ARG A 270 11.83 -11.47 14.72
N ASP A 271 12.41 -12.27 15.60
CA ASP A 271 11.83 -12.68 16.91
C ASP A 271 13.00 -13.14 17.77
N GLY A 272 12.82 -13.28 19.08
CA GLY A 272 13.86 -13.78 19.98
C GLY A 272 14.61 -12.69 20.73
N GLU A 273 14.16 -11.45 20.61
CA GLU A 273 14.79 -10.29 21.29
C GLU A 273 14.31 -10.16 22.76
N MET A 274 13.19 -10.77 23.14
CA MET A 274 12.60 -10.60 24.50
C MET A 274 12.31 -11.96 25.14
N PRO A 275 12.42 -12.08 26.48
CA PRO A 275 12.23 -13.36 27.17
C PRO A 275 10.85 -14.01 27.01
N ARG A 276 9.78 -13.21 26.85
CA ARG A 276 8.40 -13.75 26.76
C ARG A 276 8.23 -14.45 25.41
N GLN A 277 9.17 -14.27 24.47
CA GLN A 277 9.06 -14.91 23.14
C GLN A 277 9.52 -16.37 23.22
N TYR A 278 10.08 -16.79 24.35
CA TYR A 278 10.63 -18.16 24.48
C TYR A 278 9.70 -19.01 25.36
N SER A 279 10.04 -20.28 25.38
CA SER A 279 9.40 -21.44 26.04
C SER A 279 10.52 -22.47 26.05
N LEU A 280 10.39 -23.60 26.74
CA LEU A 280 11.45 -24.64 26.63
C LEU A 280 11.68 -24.94 25.13
N GLN A 281 10.63 -25.24 24.38
CA GLN A 281 10.78 -25.69 22.97
C GLN A 281 11.44 -24.57 22.16
N ASN A 282 11.13 -23.30 22.44
CA ASN A 282 11.73 -22.18 21.65
C ASN A 282 13.22 -22.02 21.98
N TRP A 283 13.62 -22.21 23.24
CA TRP A 283 15.05 -22.19 23.62
C TRP A 283 15.78 -23.34 22.93
N GLU A 284 15.15 -24.53 22.88
CA GLU A 284 15.72 -25.71 22.16
C GLU A 284 15.91 -25.34 20.68
N ALA A 285 14.91 -24.70 20.09
CA ALA A 285 14.95 -24.30 18.67
C ALA A 285 16.06 -23.29 18.44
N ARG A 286 16.21 -22.31 19.34
CA ARG A 286 17.27 -21.27 19.19
C ARG A 286 18.63 -21.99 19.21
N LEU A 287 18.79 -22.96 20.09
CA LEU A 287 20.08 -23.70 20.19
C LEU A 287 20.34 -24.47 18.89
N LEU A 288 19.34 -25.20 18.37
CA LEU A 288 19.46 -25.94 17.09
C LEU A 288 19.89 -24.98 15.98
N LEU A 289 19.24 -23.82 15.87
CA LEU A 289 19.60 -22.84 14.82
C LEU A 289 21.06 -22.42 14.98
N GLU A 290 21.49 -22.12 16.21
CA GLU A 290 22.84 -21.58 16.49
CA GLU A 290 22.84 -21.58 16.48
C GLU A 290 23.89 -22.65 16.18
N ARG A 291 23.57 -23.92 16.43
CA ARG A 291 24.50 -25.04 16.18
C ARG A 291 24.63 -25.32 14.69
N SER A 292 23.73 -24.84 13.84
CA SER A 292 23.69 -25.19 12.40
C SER A 292 24.82 -24.49 11.64
N HIS A 293 25.07 -24.97 10.43
CA HIS A 293 26.07 -24.42 9.50
C HIS A 293 25.52 -23.14 8.84
N ALA A 294 24.24 -22.86 8.98
CA ALA A 294 23.62 -21.64 8.40
C ALA A 294 24.28 -20.40 9.02
N ALA A 295 24.42 -19.34 8.23
CA ALA A 295 24.72 -18.00 8.78
C ALA A 295 23.54 -17.56 9.64
N LYS A 296 23.82 -16.94 10.78
CA LYS A 296 22.77 -16.34 11.64
C LYS A 296 22.87 -14.82 11.62
N CYS A 297 21.71 -14.18 11.54
CA CYS A 297 21.61 -12.70 11.54
C CYS A 297 20.67 -12.27 12.65
N PRO A 298 21.15 -11.97 13.88
CA PRO A 298 22.56 -12.13 14.24
C PRO A 298 22.86 -13.53 14.79
N ASP A 299 24.13 -13.84 14.96
CA ASP A 299 24.56 -14.97 15.80
C ASP A 299 24.33 -14.60 17.27
N ILE A 300 24.34 -15.59 18.15
CA ILE A 300 24.00 -15.41 19.59
C ILE A 300 24.99 -14.41 20.23
N ALA A 301 26.28 -14.46 19.88
CA ALA A 301 27.30 -13.56 20.49
C ALA A 301 27.01 -12.11 20.08
N THR A 302 26.51 -11.92 18.86
CA THR A 302 26.20 -10.59 18.34
C THR A 302 24.93 -10.04 19.01
N GLN A 303 23.95 -10.89 19.30
CA GLN A 303 22.80 -10.43 20.13
C GLN A 303 23.31 -9.98 21.50
N LEU A 304 24.22 -10.75 22.12
CA LEU A 304 24.82 -10.35 23.43
C LEU A 304 25.58 -9.03 23.29
N ALA A 305 26.26 -8.79 22.16
CA ALA A 305 27.01 -7.54 21.94
C ALA A 305 26.10 -6.31 21.94
N GLY A 306 24.78 -6.46 21.75
CA GLY A 306 23.83 -5.32 21.70
C GLY A 306 23.15 -5.06 23.02
N THR A 307 23.53 -5.74 24.10
CA THR A 307 22.83 -5.61 25.40
C THR A 307 23.29 -4.33 26.11
N LYS A 308 22.46 -3.84 27.01
CA LYS A 308 22.71 -2.59 27.79
C LYS A 308 24.00 -2.75 28.60
N LYS A 309 24.25 -3.91 29.22
CA LYS A 309 25.46 -4.07 30.07
C LYS A 309 26.72 -3.96 29.19
N VAL A 310 26.72 -4.53 28.00
CA VAL A 310 27.87 -4.37 27.07
C VAL A 310 28.02 -2.89 26.70
N GLN A 311 26.92 -2.21 26.40
CA GLN A 311 26.96 -0.76 26.04
C GLN A 311 27.63 0.03 27.16
N GLN A 312 27.23 -0.23 28.40
CA GLN A 312 27.85 0.48 29.56
C GLN A 312 29.34 0.11 29.65
N GLU A 313 29.69 -1.16 29.60
CA GLU A 313 31.11 -1.57 29.78
C GLU A 313 32.00 -1.01 28.65
N LEU A 314 31.45 -0.82 27.45
CA LEU A 314 32.24 -0.26 26.31
C LEU A 314 32.67 1.19 26.58
N SER A 315 32.02 1.88 27.52
CA SER A 315 32.36 3.28 27.87
C SER A 315 33.50 3.36 28.89
N ARG A 316 33.94 2.23 29.48
CA ARG A 316 35.00 2.23 30.50
C ARG A 316 36.28 2.78 29.88
N PRO A 317 37.11 3.50 30.67
CA PRO A 317 38.37 4.00 30.13
C PRO A 317 39.18 2.87 29.49
N GLY A 318 39.67 3.10 28.28
CA GLY A 318 40.57 2.17 27.56
C GLY A 318 39.82 1.00 26.93
N MET A 319 38.52 0.86 27.13
CA MET A 319 37.84 -0.38 26.67
C MET A 319 37.76 -0.40 25.14
N LEU A 320 37.37 0.69 24.49
CA LEU A 320 37.27 0.74 23.01
C LEU A 320 38.63 0.42 22.39
N GLU A 321 39.72 0.95 22.96
CA GLU A 321 41.10 0.73 22.46
C GLU A 321 41.46 -0.76 22.53
N MET A 322 40.96 -1.48 23.54
CA MET A 322 41.26 -2.91 23.73
C MET A 322 40.57 -3.73 22.64
N LEU A 323 39.37 -3.31 22.21
CA LEU A 323 38.54 -4.06 21.23
C LEU A 323 38.93 -3.70 19.79
N LEU A 324 39.39 -2.47 19.56
CA LEU A 324 39.75 -1.91 18.23
C LEU A 324 41.16 -1.32 18.31
N PRO A 325 42.18 -2.16 18.51
CA PRO A 325 43.55 -1.66 18.65
C PRO A 325 44.03 -0.94 17.38
N GLY A 326 44.78 0.15 17.57
CA GLY A 326 45.46 0.91 16.50
C GLY A 326 44.47 1.61 15.58
N GLN A 327 43.28 1.93 16.08
CA GLN A 327 42.21 2.62 15.29
C GLN A 327 41.75 3.86 16.05
N PRO A 328 42.65 4.84 16.32
CA PRO A 328 42.29 6.00 17.13
C PRO A 328 41.16 6.87 16.53
N GLU A 329 41.12 7.04 15.21
CA GLU A 329 40.06 7.86 14.55
C GLU A 329 38.70 7.19 14.76
N ALA A 330 38.60 5.88 14.58
CA ALA A 330 37.35 5.10 14.77
C ALA A 330 36.95 5.17 16.25
N VAL A 331 37.91 5.01 17.15
CA VAL A 331 37.65 5.06 18.62
C VAL A 331 37.13 6.46 18.97
N ALA A 332 37.73 7.52 18.43
CA ALA A 332 37.31 8.93 18.67
C ALA A 332 35.87 9.15 18.18
N ARG A 333 35.53 8.68 16.98
CA ARG A 333 34.16 8.82 16.42
C ARG A 333 33.16 8.08 17.32
N LEU A 334 33.48 6.85 17.73
CA LEU A 334 32.58 6.06 18.60
C LEU A 334 32.39 6.78 19.94
N ARG A 335 33.49 7.12 20.60
CA ARG A 335 33.46 7.69 21.97
C ARG A 335 32.70 9.02 21.98
N ALA A 336 32.79 9.82 20.92
CA ALA A 336 32.08 11.11 20.81
C ALA A 336 30.57 10.91 20.99
N THR A 337 30.02 9.76 20.59
CA THR A 337 28.56 9.48 20.68
C THR A 337 28.18 8.95 22.07
N PHE A 338 29.14 8.66 22.94
CA PHE A 338 28.79 8.05 24.24
C PHE A 338 28.31 9.12 25.22
N ALA A 339 27.13 8.89 25.79
CA ALA A 339 26.61 9.66 26.93
C ALA A 339 27.05 8.96 28.23
N GLY A 340 26.69 9.52 29.37
CA GLY A 340 26.93 8.88 30.67
C GLY A 340 26.24 7.54 30.75
N LEU A 341 27.01 6.50 31.08
CA LEU A 341 26.51 5.11 31.25
C LEU A 341 27.10 4.55 32.54
N TYR A 342 26.26 4.10 33.46
CA TYR A 342 26.69 3.80 34.84
C TYR A 342 26.22 2.40 35.21
N SER A 343 27.19 1.58 35.65
CA SER A 343 26.95 0.27 36.29
C SER A 343 26.16 0.51 37.58
N LEU A 344 25.17 -0.34 37.86
CA LEU A 344 24.46 -0.39 39.15
C LEU A 344 24.84 -1.68 39.91
N ASP A 345 25.88 -2.39 39.49
CA ASP A 345 26.33 -3.64 40.16
C ASP A 345 26.64 -3.35 41.63
N VAL A 346 26.53 -4.37 42.46
CA VAL A 346 26.88 -4.24 43.92
CA VAL A 346 26.92 -4.33 43.91
C VAL A 346 28.28 -3.63 44.00
N GLY A 347 28.48 -2.74 44.96
CA GLY A 347 29.75 -2.05 45.14
C GLY A 347 29.61 -0.54 45.28
N GLU A 348 30.69 0.10 45.69
CA GLU A 348 30.75 1.56 45.95
C GLU A 348 30.32 2.35 44.71
N GLU A 349 30.81 1.98 43.54
CA GLU A 349 30.53 2.74 42.30
C GLU A 349 29.03 2.71 41.97
N GLY A 350 28.41 1.54 41.98
CA GLY A 350 26.95 1.40 41.80
C GLY A 350 26.20 2.15 42.89
N ASP A 351 26.70 2.12 44.11
CA ASP A 351 26.07 2.85 45.25
C ASP A 351 26.06 4.35 44.94
N GLN A 352 27.17 4.89 44.42
CA GLN A 352 27.29 6.34 44.10
C GLN A 352 26.29 6.71 42.99
N ALA A 353 26.16 5.89 41.96
CA ALA A 353 25.26 6.16 40.82
C ALA A 353 23.83 6.17 41.37
N ILE A 354 23.47 5.19 42.20
CA ILE A 354 22.11 5.14 42.82
C ILE A 354 21.90 6.43 43.62
N ALA A 355 22.87 6.83 44.46
CA ALA A 355 22.74 8.03 45.31
C ALA A 355 22.54 9.26 44.43
N GLU A 356 23.30 9.39 43.33
CA GLU A 356 23.23 10.58 42.45
CA GLU A 356 23.24 10.57 42.45
C GLU A 356 21.83 10.65 41.83
N ALA A 357 21.28 9.52 41.38
CA ALA A 357 19.96 9.45 40.70
C ALA A 357 18.84 9.69 41.71
N LEU A 358 18.96 9.20 42.95
CA LEU A 358 17.96 9.53 44.00
C LEU A 358 17.93 11.05 44.26
N ALA A 359 19.10 11.71 44.29
CA ALA A 359 19.25 13.13 44.68
C ALA A 359 18.82 14.03 43.52
N ALA A 360 19.05 13.63 42.28
CA ALA A 360 18.80 14.45 41.07
C ALA A 360 18.16 13.58 39.99
N PRO A 361 16.94 13.07 40.23
CA PRO A 361 16.31 12.10 39.33
C PRO A 361 16.05 12.62 37.91
N SER A 362 15.99 13.94 37.72
CA SER A 362 15.70 14.57 36.40
C SER A 362 16.90 14.38 35.45
N ARG A 363 18.07 13.97 35.96
CA ARG A 363 19.32 13.88 35.15
C ARG A 363 19.52 12.47 34.61
N PHE A 364 18.69 11.50 35.00
CA PHE A 364 18.97 10.05 34.77
C PHE A 364 17.73 9.32 34.26
N VAL A 365 18.01 8.20 33.60
CA VAL A 365 17.02 7.15 33.20
C VAL A 365 17.56 5.79 33.67
N LEU A 366 16.69 4.96 34.24
CA LEU A 366 17.01 3.59 34.70
C LEU A 366 16.54 2.59 33.65
N LYS A 367 17.45 1.76 33.16
CA LYS A 367 17.20 0.86 32.00
C LYS A 367 17.47 -0.59 32.38
N PRO A 368 16.45 -1.48 32.25
CA PRO A 368 16.67 -2.90 32.47
C PRO A 368 17.46 -3.47 31.29
N GLN A 369 18.15 -4.58 31.55
CA GLN A 369 18.95 -5.37 30.58
C GLN A 369 17.99 -6.06 29.59
N ARG A 370 17.57 -5.36 28.54
CA ARG A 370 16.47 -5.77 27.63
C ARG A 370 16.60 -5.04 26.29
N GLY A 374 8.77 -0.38 26.47
CA GLY A 374 8.55 0.73 27.43
C GLY A 374 8.86 0.30 28.85
N ASN A 375 10.10 -0.17 29.09
CA ASN A 375 10.57 -0.72 30.40
C ASN A 375 11.48 0.28 31.12
N ASN A 376 11.90 1.37 30.46
CA ASN A 376 12.79 2.41 31.06
C ASN A 376 11.99 3.22 32.09
N LEU A 377 12.64 3.64 33.19
CA LEU A 377 11.97 4.37 34.29
C LEU A 377 12.62 5.74 34.47
N TYR A 378 11.79 6.75 34.70
CA TYR A 378 12.14 8.16 34.90
C TYR A 378 11.52 8.67 36.21
N GLY A 379 12.01 9.81 36.67
CA GLY A 379 11.38 10.62 37.74
C GLY A 379 11.02 9.78 38.95
N GLU A 380 9.81 9.97 39.47
CA GLU A 380 9.30 9.33 40.73
C GLU A 380 9.32 7.81 40.59
N GLU A 381 8.98 7.26 39.43
CA GLU A 381 8.95 5.78 39.21
C GLU A 381 10.37 5.21 39.34
N MET A 382 11.36 5.91 38.77
CA MET A 382 12.79 5.53 38.87
C MET A 382 13.24 5.58 40.34
N VAL A 383 12.88 6.65 41.05
CA VAL A 383 13.24 6.85 42.48
C VAL A 383 12.69 5.66 43.30
N GLN A 384 11.42 5.29 43.12
CA GLN A 384 10.80 4.13 43.82
C GLN A 384 11.56 2.86 43.46
N ALA A 385 11.91 2.66 42.19
CA ALA A 385 12.62 1.45 41.73
C ALA A 385 14.03 1.38 42.33
N LEU A 386 14.74 2.52 42.38
CA LEU A 386 16.12 2.58 42.94
C LEU A 386 16.08 2.25 44.43
N LYS A 387 15.02 2.64 45.14
CA LYS A 387 14.91 2.34 46.59
C LYS A 387 14.77 0.81 46.75
N GLN A 388 14.07 0.16 45.82
CA GLN A 388 13.84 -1.31 45.87
C GLN A 388 15.11 -2.05 45.41
N LEU A 389 15.84 -1.51 44.44
CA LEU A 389 17.03 -2.18 43.82
C LEU A 389 18.28 -2.10 44.70
N LYS A 390 18.46 -1.02 45.48
CA LYS A 390 19.73 -0.70 46.18
C LYS A 390 20.24 -1.91 46.98
N ASP A 391 19.35 -2.59 47.72
CA ASP A 391 19.70 -3.77 48.57
C ASP A 391 19.17 -5.06 47.93
N SER A 392 19.18 -5.13 46.58
CA SER A 392 18.73 -6.31 45.79
C SER A 392 19.88 -6.73 44.87
N GLU A 393 20.18 -8.03 44.72
CA GLU A 393 21.24 -8.43 43.75
C GLU A 393 20.71 -8.28 42.32
N GLU A 394 19.41 -8.01 42.16
CA GLU A 394 18.77 -7.67 40.86
C GLU A 394 19.40 -6.40 40.29
N ARG A 395 20.11 -5.60 41.10
CA ARG A 395 20.70 -4.32 40.61
C ARG A 395 21.67 -4.61 39.46
N ALA A 396 22.21 -5.82 39.33
CA ALA A 396 23.11 -6.24 38.21
C ALA A 396 22.35 -6.33 36.87
N SER A 397 21.03 -6.34 36.89
CA SER A 397 20.16 -6.51 35.71
C SER A 397 19.70 -5.16 35.16
N TYR A 398 20.31 -4.06 35.62
CA TYR A 398 19.94 -2.67 35.24
C TYR A 398 21.18 -1.84 35.01
N ILE A 399 21.08 -0.81 34.18
CA ILE A 399 22.12 0.25 34.12
C ILE A 399 21.41 1.58 34.33
N LEU A 400 22.18 2.59 34.70
CA LEU A 400 21.72 3.98 34.76
C LEU A 400 22.37 4.70 33.59
N MET A 401 21.63 5.59 32.97
CA MET A 401 22.14 6.38 31.83
C MET A 401 21.81 7.84 32.08
N GLU A 402 22.70 8.71 31.62
CA GLU A 402 22.43 10.16 31.44
C GLU A 402 21.12 10.32 30.65
N LYS A 403 20.18 11.10 31.18
CA LYS A 403 18.95 11.46 30.44
C LYS A 403 19.31 12.46 29.34
N ILE A 404 19.02 12.12 28.08
CA ILE A 404 19.24 13.03 26.92
C ILE A 404 17.94 13.80 26.74
N GLU A 405 18.01 15.13 26.76
CA GLU A 405 16.82 16.01 26.58
C GLU A 405 17.05 16.85 25.35
N PRO A 406 16.55 16.43 24.16
CA PRO A 406 16.64 17.25 22.96
C PRO A 406 15.71 18.45 23.10
N GLU A 407 15.97 19.49 22.31
CA GLU A 407 15.10 20.69 22.19
C GLU A 407 13.77 20.24 21.59
N PRO A 408 12.63 20.41 22.29
CA PRO A 408 11.34 20.07 21.70
C PRO A 408 11.04 20.93 20.46
N PHE A 409 10.22 20.38 19.58
CA PHE A 409 9.72 21.07 18.37
C PHE A 409 8.30 20.58 18.14
N GLU A 410 7.56 21.30 17.31
CA GLU A 410 6.14 21.00 17.00
C GLU A 410 6.05 20.10 15.77
N ASN A 411 5.21 19.08 15.86
CA ASN A 411 4.81 18.28 14.68
C ASN A 411 3.46 17.66 15.02
N CYS A 412 2.89 16.95 14.06
CA CYS A 412 1.57 16.30 14.18
C CYS A 412 1.81 14.80 14.00
N LEU A 413 1.51 14.01 15.01
CA LEU A 413 1.79 12.55 15.01
C LEU A 413 0.48 11.83 14.65
N LEU A 414 0.44 11.22 13.48
CA LEU A 414 -0.78 10.56 12.98
C LEU A 414 -0.82 9.12 13.45
N ARG A 415 -1.84 8.77 14.23
CA ARG A 415 -2.06 7.40 14.76
C ARG A 415 -3.55 7.11 14.69
N PRO A 416 -3.99 5.92 14.24
CA PRO A 416 -5.41 5.60 14.27
C PRO A 416 -6.03 5.81 15.65
N GLY A 417 -7.23 6.38 15.68
CA GLY A 417 -8.03 6.58 16.91
C GLY A 417 -7.69 7.88 17.63
N SER A 418 -6.72 8.65 17.13
CA SER A 418 -6.29 9.94 17.74
C SER A 418 -6.60 11.06 16.76
N PRO A 419 -7.26 12.15 17.21
CA PRO A 419 -7.45 13.32 16.37
C PRO A 419 -6.10 13.96 16.01
N ALA A 420 -6.01 14.51 14.80
CA ALA A 420 -4.83 15.25 14.32
C ALA A 420 -4.63 16.50 15.18
N ARG A 421 -3.52 16.55 15.93
CA ARG A 421 -3.19 17.67 16.85
C ARG A 421 -1.70 17.98 16.73
N VAL A 422 -1.33 19.25 16.78
CA VAL A 422 0.09 19.67 16.82
C VAL A 422 0.53 19.62 18.28
N VAL A 423 1.65 18.95 18.55
CA VAL A 423 2.16 18.73 19.93
C VAL A 423 3.67 18.93 19.93
N GLN A 424 4.24 19.12 21.11
CA GLN A 424 5.70 19.17 21.27
C GLN A 424 6.28 17.76 21.19
N CYS A 425 7.37 17.62 20.44
CA CYS A 425 7.95 16.33 20.03
C CYS A 425 9.47 16.34 20.23
N ILE A 426 10.04 15.15 20.34
CA ILE A 426 11.50 14.93 20.14
C ILE A 426 11.68 13.70 19.27
N SER A 427 12.86 13.52 18.69
CA SER A 427 13.12 12.45 17.70
C SER A 427 14.25 11.54 18.18
N GLU A 428 14.32 10.36 17.57
CA GLU A 428 15.46 9.43 17.66
C GLU A 428 15.90 9.17 16.21
N LEU A 429 17.17 9.33 15.93
CA LEU A 429 17.75 9.10 14.59
C LEU A 429 18.46 7.76 14.61
N GLY A 430 18.04 6.85 13.74
CA GLY A 430 18.69 5.55 13.54
C GLY A 430 19.46 5.50 12.23
N ILE A 431 20.61 4.85 12.24
CA ILE A 431 21.37 4.52 11.00
C ILE A 431 21.40 3.01 10.89
N PHE A 432 21.05 2.48 9.73
CA PHE A 432 21.09 1.02 9.49
C PHE A 432 22.49 0.61 9.05
N GLY A 433 23.05 -0.39 9.72
CA GLY A 433 24.36 -0.98 9.40
C GLY A 433 24.22 -2.37 8.81
N VAL A 434 25.06 -2.69 7.82
CA VAL A 434 25.15 -4.04 7.23
C VAL A 434 26.61 -4.42 7.10
N TYR A 435 26.99 -5.58 7.63
CA TYR A 435 28.34 -6.14 7.43
C TYR A 435 28.22 -7.64 7.25
N VAL A 436 29.17 -8.20 6.51
CA VAL A 436 29.22 -9.64 6.22
C VAL A 436 30.68 -10.04 6.30
N ARG A 437 30.94 -11.15 6.96
CA ARG A 437 32.31 -11.68 7.14
C ARG A 437 32.30 -13.16 6.71
N GLN A 438 33.31 -13.55 5.94
CA GLN A 438 33.56 -14.96 5.58
C GLN A 438 34.80 -15.39 6.34
N GLU A 439 34.63 -16.27 7.34
CA GLU A 439 35.70 -16.70 8.26
C GLU A 439 36.22 -15.45 8.99
N LYS A 440 37.47 -15.05 8.77
CA LYS A 440 38.08 -13.88 9.47
C LYS A 440 38.05 -12.65 8.58
N THR A 441 37.52 -12.74 7.36
CA THR A 441 37.64 -11.68 6.32
C THR A 441 36.34 -10.90 6.19
N LEU A 442 36.35 -9.63 6.54
CA LEU A 442 35.21 -8.71 6.29
C LEU A 442 35.07 -8.51 4.77
N VAL A 443 33.89 -8.79 4.21
CA VAL A 443 33.66 -8.62 2.74
C VAL A 443 32.68 -7.48 2.47
N MET A 444 31.91 -7.05 3.48
CA MET A 444 30.92 -5.96 3.30
C MET A 444 30.85 -5.22 4.64
N ASN A 445 30.86 -3.89 4.59
CA ASN A 445 30.74 -3.07 5.82
C ASN A 445 30.23 -1.70 5.41
N LYS A 446 28.95 -1.45 5.63
CA LYS A 446 28.39 -0.16 5.17
C LYS A 446 27.23 0.29 6.02
N HIS A 447 26.87 1.56 5.81
CA HIS A 447 25.53 2.08 6.17
C HIS A 447 24.61 1.88 4.96
N VAL A 448 23.33 1.66 5.21
CA VAL A 448 22.38 1.42 4.08
C VAL A 448 21.19 2.39 4.13
N GLY A 449 21.13 3.27 5.12
CA GLY A 449 20.04 4.25 5.19
C GLY A 449 19.74 4.68 6.61
N HIS A 450 18.67 5.44 6.80
CA HIS A 450 18.33 6.04 8.10
C HIS A 450 16.87 5.78 8.49
N LEU A 451 16.59 6.00 9.75
CA LEU A 451 15.24 5.97 10.34
C LEU A 451 15.15 7.12 11.34
N LEU A 452 14.31 8.10 11.05
CA LEU A 452 13.92 9.09 12.06
C LEU A 452 12.58 8.66 12.64
N ARG A 453 12.49 8.57 13.96
CA ARG A 453 11.19 8.36 14.65
C ARG A 453 10.98 9.49 15.64
N THR A 454 9.72 9.85 15.86
CA THR A 454 9.37 11.06 16.63
C THR A 454 8.26 10.70 17.61
N LYS A 455 8.38 11.20 18.84
CA LYS A 455 7.41 10.94 19.93
C LYS A 455 7.00 12.24 20.58
N ALA A 456 5.78 12.29 21.10
CA ALA A 456 5.26 13.42 21.90
C ALA A 456 6.02 13.49 23.22
N ILE A 457 6.32 14.68 23.73
CA ILE A 457 6.92 14.78 25.09
C ILE A 457 5.80 14.95 26.14
N GLU A 458 6.08 14.49 27.37
CA GLU A 458 5.21 14.58 28.57
C GLU A 458 3.91 13.80 28.32
N GLY A 463 10.39 16.60 31.36
CA GLY A 463 9.95 16.21 30.00
C GLY A 463 10.42 14.80 29.65
N VAL A 464 9.47 13.87 29.53
CA VAL A 464 9.70 12.45 29.13
C VAL A 464 8.85 12.16 27.88
N ALA A 465 9.45 11.59 26.84
CA ALA A 465 8.71 11.10 25.64
C ALA A 465 7.73 10.01 26.08
N ALA A 466 6.48 10.10 25.61
CA ALA A 466 5.37 9.15 25.90
C ALA A 466 4.69 8.77 24.58
N GLY A 467 3.93 7.67 24.59
CA GLY A 467 3.33 7.06 23.38
C GLY A 467 4.39 6.42 22.50
N VAL A 468 3.99 5.63 21.52
CA VAL A 468 4.98 4.96 20.64
C VAL A 468 5.51 6.02 19.66
N ALA A 469 6.76 5.86 19.26
CA ALA A 469 7.44 6.70 18.25
C ALA A 469 6.81 6.40 16.90
N VAL A 470 6.64 7.44 16.10
CA VAL A 470 6.04 7.34 14.75
C VAL A 470 7.16 7.55 13.72
N LEU A 471 6.95 7.04 12.51
CA LEU A 471 7.91 7.18 11.41
C LEU A 471 8.01 8.65 11.00
N ASP A 472 9.20 9.06 10.60
CA ASP A 472 9.49 10.47 10.23
C ASP A 472 10.53 10.43 9.13
N ASN A 473 10.88 11.60 8.62
CA ASN A 473 12.01 11.77 7.69
C ASN A 473 12.81 13.00 8.11
N PRO A 474 14.15 12.91 8.08
CA PRO A 474 15.01 14.02 8.48
C PRO A 474 15.15 15.07 7.40
N TYR A 475 14.44 16.19 7.52
CA TYR A 475 14.53 17.32 6.56
C TYR A 475 15.84 18.06 6.78
N PRO A 476 16.78 18.05 5.81
CA PRO A 476 18.10 18.65 6.00
C PRO A 476 18.10 20.17 6.17
N VAL A 477 18.65 20.68 7.27
CA VAL A 477 18.86 22.14 7.52
C VAL A 477 20.29 22.39 7.99
N THR B 6 -2.80 -24.68 -16.09
CA THR B 6 -1.60 -23.84 -16.35
C THR B 6 -0.38 -24.50 -15.70
N ASN B 7 0.82 -24.07 -16.11
CA ASN B 7 2.10 -24.57 -15.54
C ASN B 7 2.14 -24.19 -14.05
N TRP B 8 1.65 -23.00 -13.70
CA TRP B 8 1.62 -22.49 -12.30
C TRP B 8 0.50 -23.15 -11.49
N GLY B 9 -0.73 -23.13 -12.00
CA GLY B 9 -1.93 -23.61 -11.28
C GLY B 9 -1.79 -25.07 -10.86
N SER B 10 -1.14 -25.88 -11.70
CA SER B 10 -1.04 -27.36 -11.52
C SER B 10 0.01 -27.72 -10.46
N LEU B 11 0.80 -26.75 -9.94
CA LEU B 11 1.72 -26.97 -8.79
C LEU B 11 0.94 -26.93 -7.47
N LEU B 12 -0.27 -26.36 -7.45
CA LEU B 12 -1.12 -26.28 -6.23
C LEU B 12 -2.06 -27.49 -6.22
N GLN B 13 -1.76 -28.46 -5.36
CA GLN B 13 -2.48 -29.76 -5.34
C GLN B 13 -3.25 -29.94 -4.03
N ASP B 14 -2.92 -29.20 -2.95
CA ASP B 14 -3.66 -29.30 -1.66
C ASP B 14 -4.01 -27.90 -1.17
N LYS B 15 -4.87 -27.82 -0.15
CA LYS B 15 -5.49 -26.57 0.35
C LYS B 15 -4.41 -25.74 1.05
N GLN B 16 -3.47 -26.39 1.73
CA GLN B 16 -2.37 -25.74 2.51
C GLN B 16 -1.44 -24.98 1.54
N GLN B 17 -1.07 -25.60 0.41
CA GLN B 17 -0.28 -24.96 -0.68
C GLN B 17 -1.02 -23.70 -1.16
N LEU B 18 -2.31 -23.84 -1.44
CA LEU B 18 -3.13 -22.74 -2.01
C LEU B 18 -3.13 -21.58 -0.99
N GLU B 19 -3.43 -21.91 0.26
CA GLU B 19 -3.54 -20.91 1.36
C GLU B 19 -2.19 -20.20 1.52
N GLU B 20 -1.07 -20.93 1.44
CA GLU B 20 0.28 -20.34 1.62
C GLU B 20 0.55 -19.35 0.47
N LEU B 21 0.24 -19.74 -0.76
CA LEU B 21 0.48 -18.83 -1.90
C LEU B 21 -0.45 -17.63 -1.80
N ALA B 22 -1.70 -17.86 -1.36
CA ALA B 22 -2.68 -16.77 -1.16
C ALA B 22 -2.14 -15.74 -0.15
N ARG B 23 -1.52 -16.18 0.94
CA ARG B 23 -0.92 -15.25 1.94
C ARG B 23 0.17 -14.40 1.29
N GLN B 24 1.02 -15.02 0.46
CA GLN B 24 2.09 -14.28 -0.28
C GLN B 24 1.43 -13.22 -1.14
N ALA B 25 0.36 -13.59 -1.85
CA ALA B 25 -0.32 -12.70 -2.81
C ALA B 25 -0.91 -11.51 -2.07
N VAL B 26 -1.68 -11.78 -1.03
CA VAL B 26 -2.39 -10.73 -0.26
C VAL B 26 -1.36 -9.75 0.31
N ASP B 27 -0.28 -10.23 0.92
CA ASP B 27 0.69 -9.30 1.54
C ASP B 27 1.30 -8.43 0.44
N ARG B 28 1.59 -9.00 -0.73
CA ARG B 28 2.19 -8.18 -1.83
C ARG B 28 1.15 -7.17 -2.33
N ALA B 29 -0.11 -7.58 -2.54
CA ALA B 29 -1.18 -6.68 -2.98
C ALA B 29 -1.30 -5.49 -2.02
N LEU B 30 -1.31 -5.73 -0.71
CA LEU B 30 -1.41 -4.64 0.29
C LEU B 30 -0.21 -3.70 0.16
N ALA B 31 1.00 -4.24 0.04
CA ALA B 31 2.23 -3.45 -0.10
C ALA B 31 2.20 -2.61 -1.37
N GLU B 32 1.56 -3.10 -2.43
CA GLU B 32 1.46 -2.40 -3.73
C GLU B 32 0.30 -1.39 -3.74
N GLY B 33 -0.47 -1.27 -2.65
CA GLY B 33 -1.59 -0.30 -2.56
C GLY B 33 -2.83 -0.75 -3.31
N VAL B 34 -3.05 -2.06 -3.41
CA VAL B 34 -4.28 -2.63 -4.03
C VAL B 34 -5.33 -2.67 -2.91
N LEU B 35 -5.86 -1.50 -2.58
CA LEU B 35 -6.60 -1.30 -1.32
C LEU B 35 -8.05 -0.92 -1.58
N LEU B 36 -8.90 -1.25 -0.64
CA LEU B 36 -10.33 -0.92 -0.65
C LEU B 36 -10.78 -0.81 0.79
N ARG B 37 -11.52 0.23 1.14
CA ARG B 37 -12.14 0.27 2.50
C ARG B 37 -13.10 -0.91 2.63
N THR B 38 -13.32 -1.33 3.87
CA THR B 38 -14.28 -2.39 4.22
C THR B 38 -15.71 -1.87 4.03
N SER B 39 -16.64 -2.79 3.87
CA SER B 39 -18.07 -2.43 3.69
C SER B 39 -18.59 -1.77 4.96
N GLN B 40 -18.05 -2.13 6.13
CA GLN B 40 -18.57 -1.60 7.41
C GLN B 40 -17.90 -0.29 7.78
N GLU B 41 -16.72 0.02 7.24
CA GLU B 41 -16.06 1.32 7.52
C GLU B 41 -15.75 2.05 6.21
N PRO B 42 -16.78 2.44 5.44
CA PRO B 42 -16.56 3.06 4.12
C PRO B 42 -16.20 4.56 4.15
N THR B 43 -16.20 5.20 5.32
CA THR B 43 -15.85 6.65 5.41
C THR B 43 -14.46 6.85 6.04
N SER B 44 -13.76 5.78 6.43
CA SER B 44 -12.52 5.91 7.24
C SER B 44 -11.41 5.03 6.65
N SER B 45 -10.18 5.57 6.64
CA SER B 45 -8.98 4.88 6.13
C SER B 45 -8.15 4.32 7.29
N GLU B 46 -8.67 4.27 8.51
CA GLU B 46 -7.85 3.80 9.66
C GLU B 46 -7.75 2.28 9.66
N VAL B 47 -8.77 1.59 9.17
CA VAL B 47 -8.74 0.12 9.00
C VAL B 47 -9.27 -0.17 7.61
N VAL B 48 -8.42 -0.74 6.76
CA VAL B 48 -8.79 -1.03 5.36
C VAL B 48 -8.38 -2.46 5.04
N SER B 49 -8.66 -2.90 3.82
CA SER B 49 -8.23 -4.23 3.37
C SER B 49 -7.80 -4.16 1.93
N TYR B 50 -7.50 -5.30 1.36
CA TYR B 50 -7.14 -5.38 -0.08
C TYR B 50 -8.42 -5.38 -0.92
N ALA B 51 -8.34 -4.79 -2.11
CA ALA B 51 -9.37 -4.98 -3.16
C ALA B 51 -9.31 -6.43 -3.60
N PRO B 52 -10.45 -7.17 -3.70
CA PRO B 52 -10.43 -8.54 -4.16
C PRO B 52 -9.72 -8.67 -5.51
N PHE B 53 -8.95 -9.74 -5.66
CA PHE B 53 -8.14 -9.99 -6.86
C PHE B 53 -7.93 -11.50 -7.03
N THR B 54 -7.49 -11.90 -8.22
CA THR B 54 -7.22 -13.32 -8.54
C THR B 54 -5.83 -13.71 -8.04
N LEU B 55 -5.68 -14.93 -7.56
CA LEU B 55 -4.35 -15.47 -7.21
C LEU B 55 -3.44 -15.45 -8.45
N PHE B 56 -3.98 -15.80 -9.60
CA PHE B 56 -3.21 -15.94 -10.86
C PHE B 56 -3.84 -15.08 -11.94
N PRO B 57 -3.03 -14.61 -12.90
CA PRO B 57 -3.58 -13.90 -14.05
C PRO B 57 -4.31 -14.92 -14.94
N SER B 58 -5.50 -14.57 -15.39
CA SER B 58 -6.33 -15.43 -16.26
C SER B 58 -5.87 -15.35 -17.72
N LEU B 59 -5.96 -16.46 -18.45
CA LEU B 59 -5.50 -16.56 -19.85
C LEU B 59 -6.50 -15.81 -20.72
N VAL B 60 -5.99 -14.92 -21.58
CA VAL B 60 -6.80 -14.11 -22.52
C VAL B 60 -6.11 -14.19 -23.88
N PRO B 61 -6.83 -14.66 -24.91
CA PRO B 61 -6.31 -14.65 -26.28
C PRO B 61 -5.87 -13.24 -26.71
N SER B 62 -4.63 -13.14 -27.17
CA SER B 62 -3.99 -11.87 -27.61
CA SER B 62 -4.02 -11.85 -27.54
C SER B 62 -4.87 -11.17 -28.63
N ALA B 63 -5.51 -11.94 -29.52
CA ALA B 63 -6.30 -11.40 -30.64
C ALA B 63 -7.51 -10.63 -30.09
N LEU B 64 -8.15 -11.14 -29.05
CA LEU B 64 -9.33 -10.49 -28.45
C LEU B 64 -8.90 -9.21 -27.71
N LEU B 65 -7.80 -9.26 -26.97
CA LEU B 65 -7.28 -8.06 -26.29
C LEU B 65 -6.97 -7.01 -27.35
N GLU B 66 -6.30 -7.41 -28.44
CA GLU B 66 -5.92 -6.49 -29.52
C GLU B 66 -7.18 -5.87 -30.15
N GLN B 67 -8.22 -6.68 -30.40
CA GLN B 67 -9.47 -6.18 -31.01
C GLN B 67 -10.13 -5.15 -30.10
N ALA B 68 -10.10 -5.39 -28.79
CA ALA B 68 -10.73 -4.50 -27.81
C ALA B 68 -9.99 -3.15 -27.82
N TYR B 69 -8.66 -3.19 -27.85
CA TYR B 69 -7.85 -1.95 -27.89
C TYR B 69 -8.14 -1.20 -29.20
N ALA B 70 -8.29 -1.93 -30.31
CA ALA B 70 -8.36 -1.36 -31.68
C ALA B 70 -9.69 -0.63 -31.91
N VAL B 71 -10.72 -0.89 -31.10
CA VAL B 71 -12.06 -0.26 -31.24
C VAL B 71 -12.24 0.89 -30.23
N GLN B 72 -11.34 1.08 -29.27
CA GLN B 72 -11.57 2.08 -28.19
C GLN B 72 -11.71 3.50 -28.78
N MET B 73 -10.82 3.90 -29.68
CA MET B 73 -10.84 5.27 -30.22
C MET B 73 -12.15 5.48 -31.02
N ASP B 74 -12.70 4.41 -31.61
CA ASP B 74 -14.02 4.47 -32.30
C ASP B 74 -15.12 4.68 -31.26
N PHE B 75 -15.08 3.95 -30.14
CA PHE B 75 -16.10 4.17 -29.08
C PHE B 75 -16.02 5.60 -28.54
N ASN B 76 -14.82 6.14 -28.37
CA ASN B 76 -14.65 7.53 -27.87
C ASN B 76 -15.31 8.49 -28.86
N LEU B 77 -15.08 8.31 -30.15
CA LEU B 77 -15.73 9.16 -31.18
C LEU B 77 -17.25 8.96 -31.11
N LEU B 78 -17.73 7.72 -30.94
CA LEU B 78 -19.18 7.45 -30.99
C LEU B 78 -19.87 8.14 -29.81
N VAL B 79 -19.36 7.96 -28.60
CA VAL B 79 -20.00 8.55 -27.39
CA VAL B 79 -20.00 8.55 -27.39
C VAL B 79 -19.97 10.09 -27.51
N ASP B 80 -18.86 10.65 -28.00
CA ASP B 80 -18.75 12.13 -28.15
C ASP B 80 -19.77 12.60 -29.20
N ALA B 81 -19.93 11.87 -30.30
CA ALA B 81 -20.86 12.23 -31.38
C ALA B 81 -22.30 12.20 -30.84
N VAL B 82 -22.64 11.15 -30.10
CA VAL B 82 -23.97 11.02 -29.44
C VAL B 82 -24.22 12.24 -28.56
N SER B 83 -23.22 12.63 -27.76
CA SER B 83 -23.38 13.69 -26.73
C SER B 83 -23.71 15.02 -27.43
N GLN B 84 -23.26 15.19 -28.66
CA GLN B 84 -23.42 16.46 -29.41
C GLN B 84 -24.65 16.42 -30.34
N ASN B 85 -25.46 15.37 -30.30
CA ASN B 85 -26.60 15.22 -31.23
C ASN B 85 -27.89 15.29 -30.41
N ALA B 86 -28.40 16.50 -30.18
CA ALA B 86 -29.59 16.75 -29.36
C ALA B 86 -30.77 15.93 -29.92
N ALA B 87 -30.97 15.95 -31.24
CA ALA B 87 -32.14 15.31 -31.87
C ALA B 87 -32.08 13.79 -31.60
N PHE B 88 -30.90 13.17 -31.74
CA PHE B 88 -30.70 11.73 -31.49
C PHE B 88 -31.03 11.42 -30.03
N LEU B 89 -30.51 12.22 -29.10
CA LEU B 89 -30.77 11.96 -27.65
C LEU B 89 -32.28 12.11 -27.39
N GLU B 90 -32.91 13.13 -27.96
CA GLU B 90 -34.32 13.43 -27.60
C GLU B 90 -35.21 12.31 -28.15
N GLN B 91 -35.00 11.92 -29.40
CA GLN B 91 -35.79 10.86 -30.06
C GLN B 91 -35.57 9.55 -29.30
N THR B 92 -34.31 9.19 -29.04
CA THR B 92 -33.96 7.91 -28.37
C THR B 92 -34.63 7.80 -26.99
N LEU B 93 -34.62 8.89 -26.20
CA LEU B 93 -35.05 8.80 -24.77
C LEU B 93 -36.48 9.33 -24.58
N SER B 94 -37.21 9.67 -25.65
CA SER B 94 -38.51 10.37 -25.55
C SER B 94 -39.50 9.54 -24.70
N SER B 95 -39.52 8.21 -24.84
CA SER B 95 -40.41 7.35 -24.02
C SER B 95 -39.78 7.08 -22.65
N THR B 96 -38.47 6.84 -22.59
CA THR B 96 -37.74 6.61 -21.32
C THR B 96 -38.00 7.74 -20.32
N ILE B 97 -37.93 9.00 -20.75
CA ILE B 97 -38.00 10.17 -19.83
C ILE B 97 -39.41 10.26 -19.22
N LYS B 98 -40.43 9.70 -19.86
CA LYS B 98 -41.82 9.77 -19.35
C LYS B 98 -41.98 8.81 -18.17
N GLN B 99 -41.11 7.80 -18.07
CA GLN B 99 -41.32 6.64 -17.14
C GLN B 99 -40.21 6.56 -16.09
N ASP B 100 -38.97 6.91 -16.45
CA ASP B 100 -37.80 6.77 -15.56
C ASP B 100 -37.43 8.16 -15.00
N ASP B 101 -37.61 8.37 -13.70
CA ASP B 101 -37.36 9.68 -13.04
C ASP B 101 -35.87 10.05 -13.22
N PHE B 102 -34.98 9.07 -13.09
CA PHE B 102 -33.52 9.31 -13.14
C PHE B 102 -33.14 9.86 -14.51
N THR B 103 -33.56 9.18 -15.58
CA THR B 103 -33.29 9.63 -16.96
C THR B 103 -33.95 10.99 -17.16
N ALA B 104 -35.15 11.18 -16.63
CA ALA B 104 -35.90 12.44 -16.83
C ALA B 104 -35.11 13.61 -16.21
N ARG B 105 -34.53 13.40 -15.03
CA ARG B 105 -33.78 14.49 -14.34
C ARG B 105 -32.47 14.74 -15.08
N LEU B 106 -31.77 13.72 -15.53
CA LEU B 106 -30.54 13.94 -16.34
C LEU B 106 -30.91 14.70 -17.61
N PHE B 107 -31.94 14.25 -18.31
CA PHE B 107 -32.35 14.87 -19.59
C PHE B 107 -32.78 16.33 -19.39
N ASP B 108 -33.47 16.62 -18.29
CA ASP B 108 -33.96 17.98 -17.94
C ASP B 108 -32.76 18.92 -17.75
N ILE B 109 -31.70 18.47 -17.08
CA ILE B 109 -30.49 19.31 -16.90
C ILE B 109 -29.87 19.57 -18.27
N HIS B 110 -29.73 18.52 -19.07
CA HIS B 110 -29.23 18.57 -20.47
C HIS B 110 -30.01 19.65 -21.24
N LYS B 111 -31.34 19.64 -21.12
CA LYS B 111 -32.19 20.57 -21.88
C LYS B 111 -32.00 22.00 -21.37
N GLN B 112 -31.96 22.18 -20.04
CA GLN B 112 -31.83 23.52 -19.41
C GLN B 112 -30.50 24.13 -19.85
N VAL B 113 -29.42 23.34 -19.89
CA VAL B 113 -28.08 23.86 -20.29
C VAL B 113 -28.07 24.21 -21.79
N LEU B 114 -28.66 23.40 -22.65
CA LEU B 114 -28.72 23.71 -24.11
C LEU B 114 -29.47 25.02 -24.32
N LYS B 115 -30.57 25.21 -23.59
CA LYS B 115 -31.44 26.41 -23.76
C LYS B 115 -30.68 27.67 -23.31
N GLU B 116 -29.94 27.58 -22.19
CA GLU B 116 -29.18 28.73 -21.60
C GLU B 116 -27.97 29.01 -22.48
N GLY B 117 -27.42 27.96 -23.08
CA GLY B 117 -26.14 28.01 -23.81
C GLY B 117 -25.08 27.30 -22.99
N ILE B 118 -24.30 26.46 -23.65
CA ILE B 118 -23.22 25.68 -22.96
C ILE B 118 -22.13 26.67 -22.59
N ALA B 119 -21.72 26.71 -21.31
CA ALA B 119 -20.74 27.69 -20.82
C ALA B 119 -19.32 27.19 -21.09
N GLN B 120 -19.05 25.90 -20.91
CA GLN B 120 -17.68 25.38 -21.10
C GLN B 120 -17.31 25.39 -22.59
N THR B 121 -16.01 25.46 -22.86
CA THR B 121 -15.41 25.33 -24.21
C THR B 121 -14.51 24.11 -24.25
N VAL B 122 -14.32 23.42 -23.12
CA VAL B 122 -13.44 22.22 -23.02
C VAL B 122 -14.34 21.05 -22.61
N PHE B 123 -14.16 19.93 -23.30
CA PHE B 123 -14.96 18.70 -23.16
C PHE B 123 -14.00 17.54 -23.02
N LEU B 124 -14.38 16.53 -22.25
CA LEU B 124 -13.51 15.34 -22.13
C LEU B 124 -14.36 14.16 -21.68
N GLY B 125 -13.87 12.98 -22.02
CA GLY B 125 -14.37 11.70 -21.49
C GLY B 125 -13.24 10.83 -21.01
N LEU B 126 -13.41 10.29 -19.79
CA LEU B 126 -12.68 9.13 -19.26
C LEU B 126 -13.72 8.02 -19.17
N ASN B 127 -13.51 6.95 -19.91
CA ASN B 127 -14.55 5.91 -19.98
C ASN B 127 -13.91 4.54 -19.94
N ARG B 128 -14.76 3.55 -19.82
CA ARG B 128 -14.32 2.14 -19.82
C ARG B 128 -15.34 1.31 -20.59
N SER B 129 -14.91 0.75 -21.70
CA SER B 129 -15.75 -0.11 -22.55
C SER B 129 -15.49 -1.57 -22.14
N ASP B 130 -16.55 -2.28 -21.75
CA ASP B 130 -16.47 -3.63 -21.15
C ASP B 130 -16.97 -4.66 -22.18
N TYR B 131 -16.27 -5.78 -22.25
CA TYR B 131 -16.52 -6.91 -23.19
C TYR B 131 -16.53 -8.24 -22.43
N MET B 132 -17.29 -9.18 -22.96
CA MET B 132 -17.14 -10.61 -22.63
C MET B 132 -16.74 -11.38 -23.91
N PHE B 133 -16.23 -12.58 -23.72
CA PHE B 133 -15.82 -13.47 -24.83
C PHE B 133 -16.95 -14.49 -25.09
N GLN B 134 -17.73 -14.23 -26.12
CA GLN B 134 -18.87 -15.12 -26.47
C GLN B 134 -18.36 -16.35 -27.19
N ARG B 135 -18.88 -17.53 -26.86
CA ARG B 135 -18.70 -18.76 -27.67
C ARG B 135 -19.44 -18.54 -29.00
N SER B 136 -18.72 -18.39 -30.11
CA SER B 136 -19.33 -18.20 -31.46
C SER B 136 -19.78 -19.57 -32.01
N ALA B 137 -20.42 -19.58 -33.18
CA ALA B 137 -20.92 -20.80 -33.87
C ALA B 137 -19.79 -21.83 -33.97
N ASP B 138 -18.65 -21.41 -34.52
CA ASP B 138 -17.44 -22.23 -34.79
C ASP B 138 -16.86 -22.80 -33.48
N GLY B 139 -17.17 -22.17 -32.33
CA GLY B 139 -16.67 -22.57 -31.01
C GLY B 139 -15.55 -21.65 -30.53
N SER B 140 -14.96 -20.86 -31.43
CA SER B 140 -13.93 -19.83 -31.14
C SER B 140 -14.60 -18.63 -30.46
N PRO B 141 -13.95 -18.00 -29.46
CA PRO B 141 -14.56 -16.87 -28.75
C PRO B 141 -14.64 -15.60 -29.62
N ALA B 142 -15.69 -14.79 -29.42
CA ALA B 142 -15.87 -13.48 -30.10
C ALA B 142 -16.02 -12.37 -29.04
N LEU B 143 -15.43 -11.22 -29.33
CA LEU B 143 -15.51 -10.04 -28.43
C LEU B 143 -16.89 -9.39 -28.57
N LYS B 144 -17.66 -9.32 -27.48
CA LYS B 144 -18.99 -8.67 -27.46
C LYS B 144 -19.07 -7.67 -26.30
N GLN B 145 -19.54 -6.47 -26.60
CA GLN B 145 -19.65 -5.36 -25.62
C GLN B 145 -20.80 -5.63 -24.65
N ILE B 146 -20.50 -5.52 -23.36
CA ILE B 146 -21.57 -5.50 -22.32
C ILE B 146 -22.13 -4.09 -22.20
N GLU B 147 -21.25 -3.09 -22.09
CA GLU B 147 -21.65 -1.68 -21.95
C GLU B 147 -20.41 -0.81 -22.02
N ILE B 148 -20.62 0.49 -22.16
CA ILE B 148 -19.54 1.48 -21.97
C ILE B 148 -19.93 2.39 -20.81
N ASN B 149 -18.99 2.51 -19.87
CA ASN B 149 -19.15 3.33 -18.64
C ASN B 149 -18.64 4.72 -18.94
N THR B 150 -19.51 5.72 -19.04
CA THR B 150 -19.11 7.10 -19.38
C THR B 150 -19.12 8.00 -18.15
N ILE B 151 -19.59 7.50 -17.01
CA ILE B 151 -19.44 8.24 -15.73
C ILE B 151 -18.79 7.34 -14.69
N SER B 152 -17.87 7.92 -13.94
CA SER B 152 -17.15 7.25 -12.83
C SER B 152 -16.59 5.91 -13.33
N ALA B 153 -15.85 5.92 -14.45
CA ALA B 153 -15.14 4.74 -14.98
C ALA B 153 -14.09 4.33 -13.94
N SER B 154 -14.24 3.13 -13.38
CA SER B 154 -13.55 2.74 -12.11
C SER B 154 -12.40 1.75 -12.34
N PHE B 155 -11.49 1.72 -11.34
CA PHE B 155 -10.45 0.69 -11.12
C PHE B 155 -9.24 0.88 -12.04
N GLY B 156 -9.15 1.97 -12.79
CA GLY B 156 -7.92 2.23 -13.55
C GLY B 156 -6.75 2.54 -12.61
N GLY B 157 -7.02 3.05 -11.42
CA GLY B 157 -5.95 3.27 -10.42
C GLY B 157 -5.44 1.94 -9.89
N LEU B 158 -6.32 1.09 -9.35
CA LEU B 158 -5.89 -0.21 -8.79
C LEU B 158 -5.34 -1.11 -9.90
N ALA B 159 -5.85 -1.03 -11.13
CA ALA B 159 -5.38 -1.90 -12.23
C ALA B 159 -3.90 -1.58 -12.53
N SER B 160 -3.44 -0.37 -12.20
CA SER B 160 -2.02 0.03 -12.44
C SER B 160 -1.10 -0.63 -11.42
N ARG B 161 -1.66 -1.22 -10.36
CA ARG B 161 -0.89 -1.74 -9.20
C ARG B 161 -0.86 -3.27 -9.14
N THR B 162 -1.75 -3.97 -9.83
CA THR B 162 -1.89 -5.44 -9.71
C THR B 162 -0.86 -6.21 -10.52
N PRO B 163 -0.32 -5.75 -11.67
CA PRO B 163 0.63 -6.59 -12.39
C PRO B 163 1.79 -7.03 -11.49
N ALA B 164 2.31 -6.15 -10.63
CA ALA B 164 3.43 -6.51 -9.72
C ALA B 164 3.00 -7.67 -8.82
N VAL B 165 1.73 -7.74 -8.44
CA VAL B 165 1.25 -8.79 -7.51
C VAL B 165 1.30 -10.14 -8.23
N HIS B 166 0.82 -10.19 -9.46
CA HIS B 166 0.82 -11.44 -10.25
C HIS B 166 2.27 -11.83 -10.56
N ARG B 167 3.16 -10.87 -10.83
CA ARG B 167 4.59 -11.20 -11.05
C ARG B 167 5.17 -11.84 -9.78
N HIS B 168 4.82 -11.32 -8.62
CA HIS B 168 5.29 -11.82 -7.30
C HIS B 168 4.85 -13.27 -7.13
N VAL B 169 3.57 -13.55 -7.36
CA VAL B 169 3.01 -14.91 -7.15
C VAL B 169 3.76 -15.89 -8.06
N LEU B 170 3.93 -15.54 -9.34
CA LEU B 170 4.60 -16.47 -10.29
C LEU B 170 6.09 -16.62 -9.91
N SER B 171 6.73 -15.56 -9.40
CA SER B 171 8.14 -15.59 -8.96
C SER B 171 8.31 -16.50 -7.73
N VAL B 172 7.36 -16.49 -6.79
CA VAL B 172 7.40 -17.40 -5.61
C VAL B 172 7.46 -18.85 -6.11
N LEU B 173 6.79 -19.14 -7.23
CA LEU B 173 6.74 -20.50 -7.83
C LEU B 173 7.92 -20.73 -8.79
N SER B 174 8.89 -19.80 -8.85
CA SER B 174 10.09 -19.83 -9.72
C SER B 174 9.67 -19.80 -11.20
N LYS B 175 8.49 -19.25 -11.51
CA LYS B 175 7.98 -19.15 -12.90
C LYS B 175 8.30 -17.73 -13.40
N THR B 176 9.59 -17.39 -13.47
CA THR B 176 10.09 -16.01 -13.75
C THR B 176 9.86 -15.67 -15.23
N LYS B 177 9.93 -16.65 -16.15
CA LYS B 177 9.62 -16.40 -17.57
C LYS B 177 8.16 -15.94 -17.68
N GLU B 178 7.27 -16.69 -17.04
CA GLU B 178 5.82 -16.36 -17.03
C GLU B 178 5.58 -15.02 -16.32
N ALA B 179 6.25 -14.76 -15.20
CA ALA B 179 6.12 -13.45 -14.50
C ALA B 179 6.42 -12.32 -15.50
N GLY B 180 7.46 -12.48 -16.31
CA GLY B 180 7.90 -11.51 -17.32
C GLY B 180 6.87 -11.24 -18.42
N LYS B 181 5.98 -12.19 -18.69
CA LYS B 181 5.01 -12.10 -19.80
C LYS B 181 3.75 -11.36 -19.37
N ILE B 182 3.50 -11.22 -18.07
CA ILE B 182 2.38 -10.36 -17.59
C ILE B 182 2.53 -8.96 -18.21
N LEU B 183 1.43 -8.39 -18.69
CA LEU B 183 1.45 -7.10 -19.44
C LEU B 183 1.57 -5.95 -18.45
N SER B 184 2.51 -5.03 -18.68
CA SER B 184 2.53 -3.71 -18.00
C SER B 184 1.20 -3.00 -18.30
N ASN B 185 0.73 -2.21 -17.35
CA ASN B 185 -0.61 -1.58 -17.44
C ASN B 185 -0.62 -0.37 -16.50
N ASN B 186 -0.85 0.83 -17.04
CA ASN B 186 -0.87 2.06 -16.21
C ASN B 186 -1.97 2.99 -16.68
N PRO B 187 -3.24 2.53 -16.67
CA PRO B 187 -4.34 3.40 -17.06
C PRO B 187 -4.47 4.65 -16.16
N SER B 188 -4.08 4.55 -14.89
CA SER B 188 -4.11 5.68 -13.92
C SER B 188 -3.42 6.89 -14.54
N LYS B 189 -2.24 6.69 -15.08
CA LYS B 189 -1.46 7.81 -15.68
C LYS B 189 -2.21 8.40 -16.87
N GLY B 190 -2.71 7.56 -17.78
CA GLY B 190 -3.42 8.05 -18.97
C GLY B 190 -4.71 8.76 -18.62
N LEU B 191 -5.48 8.24 -17.67
CA LEU B 191 -6.73 8.86 -17.22
C LEU B 191 -6.41 10.24 -16.63
N ALA B 192 -5.40 10.33 -15.78
CA ALA B 192 -5.02 11.63 -15.18
C ALA B 192 -4.58 12.59 -16.29
N LEU B 193 -3.86 12.09 -17.29
CA LEU B 193 -3.34 12.95 -18.38
C LEU B 193 -4.49 13.52 -19.21
N GLY B 194 -5.64 12.84 -19.32
CA GLY B 194 -6.83 13.43 -19.95
C GLY B 194 -7.36 14.60 -19.14
N ILE B 195 -7.47 14.43 -17.82
CA ILE B 195 -7.90 15.55 -16.94
C ILE B 195 -6.87 16.68 -17.06
N ALA B 196 -5.58 16.34 -17.06
CA ALA B 196 -4.48 17.35 -17.11
C ALA B 196 -4.58 18.15 -18.41
N LYS B 197 -4.86 17.48 -19.53
CA LYS B 197 -5.01 18.16 -20.84
C LYS B 197 -6.21 19.13 -20.77
N ALA B 198 -7.32 18.70 -20.22
CA ALA B 198 -8.53 19.55 -20.11
C ALA B 198 -8.21 20.74 -19.21
N TRP B 199 -7.52 20.49 -18.11
CA TRP B 199 -7.07 21.54 -17.16
C TRP B 199 -6.18 22.55 -17.90
N GLU B 200 -5.25 22.10 -18.76
CA GLU B 200 -4.35 22.99 -19.53
CA GLU B 200 -4.35 22.99 -19.53
C GLU B 200 -5.19 23.85 -20.49
N LEU B 201 -6.15 23.23 -21.19
CA LEU B 201 -6.99 23.96 -22.17
C LEU B 201 -7.91 24.95 -21.44
N TYR B 202 -8.35 24.65 -20.23
CA TYR B 202 -9.21 25.59 -19.45
C TYR B 202 -8.47 26.92 -19.27
N GLY B 203 -7.18 26.87 -18.96
CA GLY B 203 -6.27 28.04 -19.04
C GLY B 203 -6.18 28.85 -17.77
N SER B 204 -6.34 28.23 -16.60
CA SER B 204 -6.16 28.90 -15.28
C SER B 204 -5.12 28.16 -14.47
N PRO B 205 -3.85 28.65 -14.42
CA PRO B 205 -2.81 27.98 -13.64
C PRO B 205 -3.18 27.72 -12.18
N ASN B 206 -4.03 28.54 -11.58
CA ASN B 206 -4.39 28.38 -10.15
C ASN B 206 -5.74 27.69 -9.97
N ALA B 207 -6.39 27.24 -11.05
CA ALA B 207 -7.70 26.56 -10.92
C ALA B 207 -7.50 25.12 -10.49
N LEU B 208 -8.51 24.56 -9.83
CA LEU B 208 -8.47 23.20 -9.25
C LEU B 208 -9.24 22.23 -10.12
N VAL B 209 -8.97 20.95 -9.93
CA VAL B 209 -9.85 19.84 -10.36
C VAL B 209 -10.77 19.53 -9.19
N LEU B 210 -12.07 19.53 -9.43
CA LEU B 210 -13.10 19.20 -8.42
C LEU B 210 -13.49 17.75 -8.64
N LEU B 211 -13.18 16.88 -7.69
CA LEU B 211 -13.57 15.46 -7.77
C LEU B 211 -14.80 15.28 -6.89
N ILE B 212 -15.94 14.99 -7.51
CA ILE B 212 -17.22 14.76 -6.81
C ILE B 212 -17.25 13.32 -6.32
N ALA B 213 -17.37 13.13 -5.00
CA ALA B 213 -17.42 11.79 -4.39
C ALA B 213 -18.28 11.83 -3.13
N GLN B 214 -18.98 10.73 -2.86
CA GLN B 214 -19.74 10.56 -1.60
C GLN B 214 -18.75 10.40 -0.45
N GLU B 215 -19.19 10.69 0.78
CA GLU B 215 -18.36 10.45 1.98
C GLU B 215 -18.21 8.93 2.18
N LYS B 216 -19.29 8.17 1.99
CA LYS B 216 -19.23 6.67 1.99
C LYS B 216 -18.66 6.25 0.64
N GLU B 217 -17.36 5.94 0.62
CA GLU B 217 -16.63 5.63 -0.63
C GLU B 217 -15.56 4.56 -0.34
N ARG B 218 -15.91 3.31 -0.59
CA ARG B 218 -14.95 2.21 -0.36
C ARG B 218 -13.76 2.35 -1.32
N ASN B 219 -13.98 2.85 -2.53
CA ASN B 219 -12.94 2.80 -3.58
C ASN B 219 -12.17 4.13 -3.61
N ILE B 220 -11.93 4.74 -2.46
CA ILE B 220 -11.20 6.03 -2.38
C ILE B 220 -9.78 5.87 -2.94
N PHE B 221 -9.12 4.74 -2.68
CA PHE B 221 -7.70 4.58 -3.11
C PHE B 221 -7.58 4.62 -4.62
N ASP B 222 -8.51 3.95 -5.32
CA ASP B 222 -8.58 4.01 -6.80
C ASP B 222 -8.64 5.48 -7.25
N GLN B 223 -9.51 6.25 -6.62
CA GLN B 223 -9.70 7.68 -6.93
C GLN B 223 -8.43 8.49 -6.61
N ARG B 224 -7.81 8.22 -5.47
CA ARG B 224 -6.57 8.93 -5.04
C ARG B 224 -5.46 8.70 -6.05
N ALA B 225 -5.43 7.55 -6.74
CA ALA B 225 -4.35 7.26 -7.69
C ALA B 225 -4.38 8.36 -8.77
N ILE B 226 -5.57 8.73 -9.24
CA ILE B 226 -5.71 9.77 -10.29
C ILE B 226 -5.22 11.10 -9.69
N GLU B 227 -5.59 11.38 -8.45
CA GLU B 227 -5.16 12.61 -7.74
CA GLU B 227 -5.16 12.63 -7.76
C GLU B 227 -3.64 12.65 -7.62
N ASN B 228 -3.01 11.52 -7.30
CA ASN B 228 -1.54 11.43 -7.13
C ASN B 228 -0.87 11.78 -8.46
N GLU B 229 -1.39 11.24 -9.56
CA GLU B 229 -0.81 11.51 -10.90
C GLU B 229 -0.95 13.01 -11.21
N LEU B 230 -2.08 13.62 -10.89
CA LEU B 230 -2.28 15.07 -11.17
C LEU B 230 -1.31 15.89 -10.30
N LEU B 231 -1.16 15.52 -9.04
CA LEU B 231 -0.30 16.28 -8.07
C LEU B 231 1.15 16.27 -8.57
N ALA B 232 1.57 15.16 -9.18
CA ALA B 232 2.92 15.00 -9.78
C ALA B 232 3.11 16.01 -10.90
N ARG B 233 2.03 16.55 -11.47
CA ARG B 233 2.07 17.56 -12.55
C ARG B 233 1.63 18.93 -12.02
N ASN B 234 1.65 19.12 -10.70
CA ASN B 234 1.34 20.39 -10.00
C ASN B 234 -0.10 20.80 -10.26
N ILE B 235 -1.00 19.83 -10.48
CA ILE B 235 -2.47 20.08 -10.59
C ILE B 235 -3.11 19.57 -9.30
N HIS B 236 -3.91 20.41 -8.67
CA HIS B 236 -4.48 20.15 -7.32
C HIS B 236 -5.93 19.70 -7.45
N VAL B 237 -6.31 18.75 -6.62
CA VAL B 237 -7.68 18.20 -6.55
C VAL B 237 -8.28 18.56 -5.19
N ILE B 238 -9.55 18.96 -5.20
CA ILE B 238 -10.40 18.96 -3.97
C ILE B 238 -11.50 17.94 -4.17
N ARG B 239 -11.73 17.15 -3.12
CA ARG B 239 -12.83 16.16 -3.10
C ARG B 239 -14.01 16.84 -2.39
N ARG B 240 -15.17 16.84 -3.03
CA ARG B 240 -16.41 17.40 -2.43
C ARG B 240 -17.60 16.50 -2.76
N THR B 241 -18.60 16.51 -1.87
CA THR B 241 -19.92 15.89 -2.13
C THR B 241 -20.82 16.86 -2.90
N PHE B 242 -21.88 16.33 -3.50
CA PHE B 242 -22.95 17.19 -4.07
C PHE B 242 -23.48 18.12 -2.98
N GLU B 243 -23.60 17.65 -1.73
CA GLU B 243 -24.12 18.49 -0.62
C GLU B 243 -23.18 19.67 -0.37
N ASP B 244 -21.86 19.44 -0.43
CA ASP B 244 -20.83 20.51 -0.31
C ASP B 244 -21.03 21.54 -1.42
N ILE B 245 -21.32 21.08 -2.64
CA ILE B 245 -21.51 22.03 -3.79
C ILE B 245 -22.79 22.84 -3.57
N SER B 246 -23.87 22.25 -3.10
CA SER B 246 -25.10 22.99 -2.74
C SER B 246 -24.77 24.09 -1.73
N GLU B 247 -23.95 23.78 -0.72
CA GLU B 247 -23.60 24.70 0.38
C GLU B 247 -22.68 25.82 -0.14
N LYS B 248 -21.68 25.47 -0.96
CA LYS B 248 -20.49 26.32 -1.14
C LYS B 248 -20.24 26.67 -2.61
N GLY B 249 -20.86 25.98 -3.57
CA GLY B 249 -20.63 26.23 -5.00
C GLY B 249 -21.28 27.52 -5.44
N SER B 250 -20.55 28.38 -6.15
CA SER B 250 -21.08 29.68 -6.65
C SER B 250 -20.52 29.96 -8.03
N LEU B 251 -21.31 30.60 -8.87
CA LEU B 251 -20.90 31.03 -10.22
C LEU B 251 -20.67 32.54 -10.22
N ASP B 252 -19.74 33.00 -11.03
CA ASP B 252 -19.57 34.45 -11.31
C ASP B 252 -20.45 34.82 -12.52
N GLN B 253 -20.42 36.07 -12.97
CA GLN B 253 -21.32 36.52 -14.07
C GLN B 253 -20.97 35.80 -15.39
N ASP B 254 -19.76 35.24 -15.52
CA ASP B 254 -19.28 34.50 -16.71
C ASP B 254 -19.49 32.99 -16.49
N ARG B 255 -20.21 32.61 -15.44
CA ARG B 255 -20.50 31.21 -15.05
C ARG B 255 -19.21 30.44 -14.70
N ARG B 256 -18.14 31.13 -14.28
CA ARG B 256 -16.97 30.43 -13.71
C ARG B 256 -17.41 29.87 -12.35
N LEU B 257 -17.02 28.63 -12.05
CA LEU B 257 -17.40 27.93 -10.81
C LEU B 257 -16.32 28.17 -9.74
N PHE B 258 -16.75 28.56 -8.54
CA PHE B 258 -15.85 28.74 -7.37
C PHE B 258 -16.37 27.88 -6.23
N VAL B 259 -15.44 27.22 -5.55
CA VAL B 259 -15.71 26.47 -4.30
C VAL B 259 -14.70 26.97 -3.26
N ASP B 260 -15.18 27.51 -2.14
CA ASP B 260 -14.28 28.02 -1.06
C ASP B 260 -13.33 29.04 -1.67
N GLY B 261 -13.85 29.87 -2.59
CA GLY B 261 -13.17 30.99 -3.25
C GLY B 261 -12.17 30.55 -4.32
N GLN B 262 -12.10 29.25 -4.62
CA GLN B 262 -11.12 28.71 -5.59
C GLN B 262 -11.84 28.36 -6.89
N GLU B 263 -11.27 28.77 -8.02
CA GLU B 263 -11.84 28.50 -9.36
C GLU B 263 -11.67 27.01 -9.69
N ILE B 264 -12.68 26.45 -10.37
CA ILE B 264 -12.72 25.02 -10.79
C ILE B 264 -12.56 24.97 -12.31
N ALA B 265 -11.52 24.28 -12.78
CA ALA B 265 -11.26 24.09 -14.22
C ALA B 265 -11.97 22.83 -14.73
N VAL B 266 -11.99 21.78 -13.93
CA VAL B 266 -12.52 20.45 -14.37
C VAL B 266 -13.32 19.86 -13.22
N VAL B 267 -14.54 19.41 -13.52
CA VAL B 267 -15.39 18.64 -12.57
C VAL B 267 -15.28 17.18 -12.96
N TYR B 268 -14.68 16.36 -12.10
CA TYR B 268 -14.45 14.93 -12.35
C TYR B 268 -15.43 14.14 -11.47
N PHE B 269 -16.40 13.53 -12.10
CA PHE B 269 -17.47 12.82 -11.35
C PHE B 269 -16.99 11.43 -10.94
N ARG B 270 -17.02 11.15 -9.63
CA ARG B 270 -16.88 9.78 -9.09
C ARG B 270 -18.09 9.48 -8.21
N ASP B 271 -19.18 10.18 -8.50
CA ASP B 271 -20.53 10.00 -7.92
C ASP B 271 -21.53 10.54 -8.94
N GLY B 272 -22.79 10.15 -8.82
CA GLY B 272 -23.87 10.65 -9.69
C GLY B 272 -24.28 9.68 -10.79
N GLU B 273 -23.78 8.45 -10.74
CA GLU B 273 -24.12 7.41 -11.75
C GLU B 273 -25.44 6.72 -11.40
N MET B 274 -25.94 6.80 -10.16
CA MET B 274 -27.19 6.09 -9.75
C MET B 274 -28.18 7.03 -9.08
N PRO B 275 -29.50 6.79 -9.29
CA PRO B 275 -30.56 7.59 -8.66
C PRO B 275 -30.48 7.73 -7.13
N ARG B 276 -29.98 6.71 -6.41
CA ARG B 276 -30.00 6.69 -4.92
C ARG B 276 -28.99 7.72 -4.38
N GLN B 277 -28.10 8.21 -5.24
CA GLN B 277 -27.04 9.16 -4.86
C GLN B 277 -27.58 10.58 -4.86
N TYR B 278 -28.83 10.81 -5.27
CA TYR B 278 -29.39 12.17 -5.40
C TYR B 278 -30.59 12.37 -4.46
N SER B 279 -30.50 13.43 -3.67
CA SER B 279 -31.63 14.19 -3.08
C SER B 279 -32.04 15.29 -4.06
N LEU B 280 -33.10 16.06 -3.75
CA LEU B 280 -33.46 17.22 -4.61
C LEU B 280 -32.32 18.26 -4.60
N GLN B 281 -31.67 18.48 -3.45
CA GLN B 281 -30.53 19.43 -3.31
C GLN B 281 -29.39 18.93 -4.22
N ASN B 282 -29.15 17.62 -4.26
CA ASN B 282 -28.03 17.08 -5.09
C ASN B 282 -28.34 17.32 -6.57
N TRP B 283 -29.60 17.22 -7.00
CA TRP B 283 -29.96 17.52 -8.41
C TRP B 283 -29.70 19.00 -8.70
N GLU B 284 -30.01 19.91 -7.76
CA GLU B 284 -29.69 21.35 -7.91
C GLU B 284 -28.18 21.51 -8.10
N ALA B 285 -27.39 20.84 -7.28
CA ALA B 285 -25.90 20.91 -7.37
C ALA B 285 -25.46 20.43 -8.75
N ARG B 286 -26.02 19.32 -9.24
CA ARG B 286 -25.64 18.75 -10.57
C ARG B 286 -25.94 19.81 -11.64
N LEU B 287 -27.06 20.51 -11.54
CA LEU B 287 -27.42 21.55 -12.52
C LEU B 287 -26.41 22.70 -12.44
N LEU B 288 -26.06 23.14 -11.23
CA LEU B 288 -25.09 24.25 -11.04
C LEU B 288 -23.78 23.88 -11.72
N LEU B 289 -23.26 22.68 -11.45
CA LEU B 289 -22.00 22.21 -12.07
C LEU B 289 -22.15 22.23 -13.60
N GLU B 290 -23.25 21.72 -14.13
CA GLU B 290 -23.40 21.59 -15.61
CA GLU B 290 -23.40 21.59 -15.60
C GLU B 290 -23.48 22.99 -16.24
N ARG B 291 -24.08 23.95 -15.55
CA ARG B 291 -24.25 25.33 -16.08
C ARG B 291 -22.89 26.04 -16.12
N SER B 292 -21.90 25.58 -15.36
CA SER B 292 -20.64 26.33 -15.12
C SER B 292 -19.73 26.25 -16.36
N HIS B 293 -18.73 27.12 -16.39
CA HIS B 293 -17.71 27.19 -17.46
C HIS B 293 -16.70 26.04 -17.33
N ALA B 294 -16.67 25.34 -16.20
CA ALA B 294 -15.70 24.23 -15.98
C ALA B 294 -15.95 23.13 -17.00
N ALA B 295 -14.89 22.43 -17.43
CA ALA B 295 -15.05 21.18 -18.18
C ALA B 295 -15.71 20.15 -17.25
N LYS B 296 -16.63 19.33 -17.75
CA LYS B 296 -17.21 18.22 -16.96
C LYS B 296 -16.74 16.89 -17.54
N CYS B 297 -16.37 15.98 -16.66
CA CYS B 297 -15.97 14.60 -17.02
C CYS B 297 -16.88 13.61 -16.30
N PRO B 298 -17.98 13.14 -16.92
CA PRO B 298 -18.47 13.59 -18.22
C PRO B 298 -19.43 14.78 -18.12
N ASP B 299 -19.73 15.40 -19.26
CA ASP B 299 -20.90 16.31 -19.34
C ASP B 299 -22.18 15.46 -19.31
N ILE B 300 -23.30 16.11 -19.04
CA ILE B 300 -24.59 15.40 -18.79
C ILE B 300 -24.99 14.60 -20.05
N ALA B 301 -24.78 15.17 -21.25
CA ALA B 301 -25.14 14.49 -22.53
C ALA B 301 -24.31 13.22 -22.68
N THR B 302 -23.06 13.25 -22.21
CA THR B 302 -22.14 12.10 -22.32
C THR B 302 -22.54 11.03 -21.31
N GLN B 303 -22.99 11.40 -20.12
CA GLN B 303 -23.60 10.40 -19.21
C GLN B 303 -24.79 9.73 -19.91
N LEU B 304 -25.67 10.51 -20.54
CA LEU B 304 -26.84 9.93 -21.25
C LEU B 304 -26.37 8.98 -22.37
N ALA B 305 -25.27 9.32 -23.04
CA ALA B 305 -24.69 8.51 -24.15
C ALA B 305 -24.31 7.11 -23.68
N GLY B 306 -24.09 6.88 -22.39
CA GLY B 306 -23.66 5.59 -21.85
C GLY B 306 -24.82 4.72 -21.37
N THR B 307 -26.06 5.21 -21.45
CA THR B 307 -27.24 4.52 -20.89
C THR B 307 -27.68 3.36 -21.80
N LYS B 308 -28.42 2.42 -21.22
CA LYS B 308 -28.86 1.16 -21.87
C LYS B 308 -29.71 1.49 -23.10
N LYS B 309 -30.62 2.44 -23.01
CA LYS B 309 -31.51 2.74 -24.14
C LYS B 309 -30.69 3.26 -25.33
N VAL B 310 -29.69 4.10 -25.10
CA VAL B 310 -28.82 4.60 -26.20
C VAL B 310 -28.04 3.41 -26.77
N GLN B 311 -27.48 2.56 -25.90
CA GLN B 311 -26.76 1.34 -26.35
C GLN B 311 -27.61 0.53 -27.34
N GLN B 312 -28.87 0.27 -27.01
CA GLN B 312 -29.76 -0.52 -27.88
C GLN B 312 -30.04 0.27 -29.18
N GLU B 313 -30.35 1.55 -29.08
CA GLU B 313 -30.72 2.33 -30.30
C GLU B 313 -29.52 2.41 -31.24
N LEU B 314 -28.30 2.45 -30.71
CA LEU B 314 -27.06 2.51 -31.52
C LEU B 314 -26.93 1.27 -32.41
N SER B 315 -27.59 0.15 -32.10
CA SER B 315 -27.49 -1.09 -32.91
C SER B 315 -28.50 -1.08 -34.07
N ARG B 316 -29.41 -0.12 -34.14
CA ARG B 316 -30.40 -0.08 -35.25
C ARG B 316 -29.67 0.04 -36.57
N PRO B 317 -30.17 -0.62 -37.64
CA PRO B 317 -29.54 -0.54 -38.95
C PRO B 317 -29.35 0.93 -39.37
N GLY B 318 -28.15 1.26 -39.84
CA GLY B 318 -27.79 2.61 -40.32
C GLY B 318 -27.54 3.63 -39.22
N MET B 319 -27.71 3.29 -37.94
CA MET B 319 -27.59 4.32 -36.87
C MET B 319 -26.13 4.75 -36.70
N LEU B 320 -25.19 3.81 -36.62
CA LEU B 320 -23.75 4.14 -36.49
C LEU B 320 -23.34 5.06 -37.65
N GLU B 321 -23.80 4.75 -38.87
CA GLU B 321 -23.41 5.51 -40.09
C GLU B 321 -23.92 6.96 -39.97
N MET B 322 -25.09 7.16 -39.37
CA MET B 322 -25.67 8.51 -39.17
C MET B 322 -24.81 9.31 -38.19
N LEU B 323 -24.32 8.66 -37.13
CA LEU B 323 -23.57 9.35 -36.05
C LEU B 323 -22.10 9.58 -36.46
N LEU B 324 -21.53 8.66 -37.25
CA LEU B 324 -20.13 8.69 -37.69
C LEU B 324 -20.08 8.61 -39.22
N PRO B 325 -20.57 9.65 -39.92
CA PRO B 325 -20.61 9.60 -41.39
C PRO B 325 -19.21 9.50 -42.00
N GLY B 326 -19.09 8.75 -43.10
CA GLY B 326 -17.84 8.55 -43.86
C GLY B 326 -16.76 7.86 -43.06
N GLN B 327 -17.14 6.96 -42.14
CA GLN B 327 -16.18 6.22 -41.27
C GLN B 327 -16.50 4.74 -41.30
N PRO B 328 -16.46 4.09 -42.49
CA PRO B 328 -16.87 2.69 -42.63
C PRO B 328 -16.03 1.69 -41.82
N GLU B 329 -14.72 1.90 -41.70
CA GLU B 329 -13.84 0.98 -40.94
C GLU B 329 -14.14 1.08 -39.44
N ALA B 330 -14.36 2.28 -38.92
CA ALA B 330 -14.74 2.49 -37.51
C ALA B 330 -16.11 1.84 -37.28
N VAL B 331 -17.06 2.08 -38.17
CA VAL B 331 -18.44 1.55 -38.01
C VAL B 331 -18.34 0.02 -37.96
N ALA B 332 -17.51 -0.59 -38.80
CA ALA B 332 -17.42 -2.07 -38.84
C ALA B 332 -16.81 -2.60 -37.53
N ARG B 333 -15.77 -1.95 -37.04
CA ARG B 333 -15.12 -2.37 -35.76
C ARG B 333 -16.14 -2.25 -34.62
N LEU B 334 -16.92 -1.16 -34.57
CA LEU B 334 -17.95 -0.95 -33.53
C LEU B 334 -19.01 -2.04 -33.65
N ARG B 335 -19.57 -2.20 -34.84
CA ARG B 335 -20.72 -3.11 -35.02
C ARG B 335 -20.30 -4.54 -34.71
N ALA B 336 -19.07 -4.93 -35.01
CA ALA B 336 -18.57 -6.30 -34.73
C ALA B 336 -18.75 -6.65 -33.26
N THR B 337 -18.68 -5.67 -32.37
CA THR B 337 -18.75 -5.94 -30.90
C THR B 337 -20.19 -5.96 -30.40
N PHE B 338 -21.19 -5.64 -31.24
CA PHE B 338 -22.58 -5.55 -30.76
C PHE B 338 -23.19 -6.96 -30.67
N ALA B 339 -23.71 -7.28 -29.49
CA ALA B 339 -24.57 -8.45 -29.28
C ALA B 339 -26.02 -8.05 -29.60
N GLY B 340 -26.95 -8.99 -29.54
CA GLY B 340 -28.39 -8.73 -29.71
C GLY B 340 -28.90 -7.73 -28.68
N LEU B 341 -29.49 -6.62 -29.12
CA LEU B 341 -30.05 -5.58 -28.24
C LEU B 341 -31.44 -5.24 -28.76
N TYR B 342 -32.44 -5.30 -27.88
CA TYR B 342 -33.86 -5.25 -28.26
C TYR B 342 -34.60 -4.19 -27.46
N SER B 343 -35.32 -3.33 -28.18
CA SER B 343 -36.26 -2.35 -27.59
C SER B 343 -37.38 -3.14 -26.91
N LEU B 344 -37.85 -2.65 -25.76
CA LEU B 344 -39.07 -3.17 -25.12
C LEU B 344 -40.13 -2.08 -25.12
N ASP B 345 -39.94 -1.00 -25.89
CA ASP B 345 -40.94 0.09 -25.97
C ASP B 345 -42.27 -0.47 -26.50
N VAL B 346 -43.37 0.22 -26.19
CA VAL B 346 -44.72 -0.07 -26.74
C VAL B 346 -44.62 -0.26 -28.25
N GLY B 347 -45.30 -1.28 -28.79
CA GLY B 347 -45.35 -1.60 -30.23
C GLY B 347 -45.07 -3.08 -30.51
N GLU B 348 -45.34 -3.52 -31.73
CA GLU B 348 -45.22 -4.94 -32.18
C GLU B 348 -43.81 -5.47 -31.89
N GLU B 349 -42.79 -4.69 -32.22
CA GLU B 349 -41.38 -5.13 -32.07
C GLU B 349 -41.03 -5.45 -30.61
N GLY B 350 -41.31 -4.51 -29.70
CA GLY B 350 -41.20 -4.75 -28.25
C GLY B 350 -42.06 -5.92 -27.85
N ASP B 351 -43.28 -6.01 -28.39
CA ASP B 351 -44.16 -7.19 -28.15
C ASP B 351 -43.44 -8.47 -28.60
N GLN B 352 -42.77 -8.42 -29.76
CA GLN B 352 -42.08 -9.60 -30.34
C GLN B 352 -40.93 -10.00 -29.41
N ALA B 353 -40.14 -9.04 -28.93
CA ALA B 353 -39.02 -9.30 -28.00
C ALA B 353 -39.56 -9.92 -26.70
N ILE B 354 -40.63 -9.35 -26.15
CA ILE B 354 -41.25 -9.88 -24.91
C ILE B 354 -41.67 -11.34 -25.15
N ALA B 355 -42.35 -11.61 -26.25
CA ALA B 355 -42.85 -12.95 -26.57
C ALA B 355 -41.67 -13.91 -26.73
N GLU B 356 -40.59 -13.47 -27.40
CA GLU B 356 -39.41 -14.35 -27.62
CA GLU B 356 -39.41 -14.35 -27.62
C GLU B 356 -38.80 -14.74 -26.26
N ALA B 357 -38.65 -13.78 -25.35
CA ALA B 357 -38.03 -14.00 -24.03
C ALA B 357 -38.96 -14.85 -23.14
N LEU B 358 -40.27 -14.62 -23.19
CA LEU B 358 -41.22 -15.42 -22.37
C LEU B 358 -41.09 -16.88 -22.79
N ALA B 359 -40.97 -17.12 -24.11
CA ALA B 359 -41.02 -18.47 -24.72
C ALA B 359 -39.64 -19.16 -24.59
N ALA B 360 -38.55 -18.40 -24.61
CA ALA B 360 -37.17 -18.96 -24.55
C ALA B 360 -36.30 -18.09 -23.66
N PRO B 361 -36.52 -18.10 -22.32
CA PRO B 361 -35.87 -17.19 -21.40
C PRO B 361 -34.35 -17.40 -21.27
N SER B 362 -33.86 -18.60 -21.59
CA SER B 362 -32.42 -18.96 -21.47
C SER B 362 -31.55 -18.06 -22.37
N ARG B 363 -32.12 -17.45 -23.43
CA ARG B 363 -31.33 -16.75 -24.48
C ARG B 363 -31.15 -15.26 -24.13
N PHE B 364 -31.81 -14.74 -23.09
CA PHE B 364 -31.95 -13.28 -22.89
C PHE B 364 -31.65 -12.87 -21.46
N VAL B 365 -31.35 -11.58 -21.31
CA VAL B 365 -31.24 -10.87 -20.01
C VAL B 365 -32.05 -9.59 -20.11
N LEU B 366 -32.84 -9.29 -19.09
CA LEU B 366 -33.64 -8.05 -18.98
C LEU B 366 -32.87 -7.03 -18.15
N LYS B 367 -32.60 -5.86 -18.74
CA LYS B 367 -31.76 -4.84 -18.11
C LYS B 367 -32.52 -3.54 -17.95
N PRO B 368 -32.59 -2.99 -16.72
CA PRO B 368 -33.13 -1.65 -16.52
C PRO B 368 -32.23 -0.53 -17.05
N GLN B 369 -32.88 0.54 -17.50
CA GLN B 369 -32.26 1.85 -17.81
C GLN B 369 -31.65 2.42 -16.53
N ARG B 370 -32.35 2.29 -15.40
CA ARG B 370 -31.87 2.81 -14.09
C ARG B 370 -30.89 1.80 -13.48
N ASN B 375 -28.94 -5.08 -11.16
CA ASN B 375 -30.42 -5.20 -11.16
C ASN B 375 -30.91 -5.92 -12.44
N ASN B 376 -30.04 -6.68 -13.10
CA ASN B 376 -30.39 -7.41 -14.35
C ASN B 376 -31.15 -8.68 -13.98
N LEU B 377 -32.17 -9.04 -14.77
CA LEU B 377 -33.06 -10.18 -14.44
C LEU B 377 -32.85 -11.29 -15.47
N TYR B 378 -32.85 -12.53 -14.98
CA TYR B 378 -32.57 -13.76 -15.76
C TYR B 378 -33.69 -14.76 -15.51
N GLY B 379 -33.89 -15.69 -16.44
CA GLY B 379 -34.70 -16.91 -16.23
C GLY B 379 -36.07 -16.60 -15.67
N GLU B 380 -36.50 -17.35 -14.65
CA GLU B 380 -37.87 -17.25 -14.06
C GLU B 380 -38.15 -15.82 -13.58
N GLU B 381 -37.16 -15.14 -12.98
CA GLU B 381 -37.32 -13.76 -12.46
C GLU B 381 -37.63 -12.82 -13.64
N MET B 382 -36.92 -12.99 -14.75
CA MET B 382 -37.14 -12.20 -15.99
C MET B 382 -38.55 -12.48 -16.52
N VAL B 383 -38.98 -13.73 -16.58
CA VAL B 383 -40.32 -14.13 -17.11
C VAL B 383 -41.41 -13.43 -16.29
N GLN B 384 -41.30 -13.42 -14.95
CA GLN B 384 -42.30 -12.79 -14.04
C GLN B 384 -42.34 -11.28 -14.32
N ALA B 385 -41.16 -10.65 -14.44
CA ALA B 385 -41.02 -9.21 -14.76
C ALA B 385 -41.63 -8.91 -16.13
N LEU B 386 -41.33 -9.74 -17.14
CA LEU B 386 -41.87 -9.49 -18.52
C LEU B 386 -43.41 -9.56 -18.50
N LYS B 387 -43.99 -10.51 -17.76
CA LYS B 387 -45.47 -10.59 -17.63
C LYS B 387 -46.01 -9.29 -17.04
N GLN B 388 -45.32 -8.69 -16.06
CA GLN B 388 -45.74 -7.42 -15.41
C GLN B 388 -45.51 -6.22 -16.34
N LEU B 389 -44.45 -6.22 -17.16
CA LEU B 389 -44.07 -5.06 -18.01
C LEU B 389 -44.89 -4.98 -19.31
N LYS B 390 -45.42 -6.09 -19.81
CA LYS B 390 -46.03 -6.16 -21.16
C LYS B 390 -47.13 -5.11 -21.31
N ASP B 391 -47.98 -4.95 -20.30
CA ASP B 391 -49.13 -4.02 -20.30
C ASP B 391 -48.82 -2.81 -19.39
N SER B 392 -47.54 -2.45 -19.24
CA SER B 392 -47.10 -1.28 -18.44
C SER B 392 -46.28 -0.35 -19.33
N GLU B 393 -46.47 0.97 -19.19
CA GLU B 393 -45.61 1.96 -19.89
C GLU B 393 -44.17 1.85 -19.36
N GLU B 394 -43.95 1.20 -18.22
CA GLU B 394 -42.60 1.05 -17.63
C GLU B 394 -41.72 0.19 -18.55
N ARG B 395 -42.29 -0.50 -19.54
CA ARG B 395 -41.48 -1.28 -20.51
C ARG B 395 -40.43 -0.35 -21.16
N ALA B 396 -40.72 0.96 -21.30
CA ALA B 396 -39.81 1.96 -21.91
C ALA B 396 -38.52 2.10 -21.09
N SER B 397 -38.51 1.65 -19.84
CA SER B 397 -37.38 1.82 -18.89
C SER B 397 -36.47 0.58 -18.85
N TYR B 398 -36.64 -0.35 -19.79
CA TYR B 398 -35.89 -1.62 -19.88
C TYR B 398 -35.42 -1.84 -21.30
N ILE B 399 -34.33 -2.58 -21.46
CA ILE B 399 -34.00 -3.24 -22.76
C ILE B 399 -33.87 -4.74 -22.51
N LEU B 400 -34.01 -5.49 -23.59
CA LEU B 400 -33.67 -6.92 -23.62
C LEU B 400 -32.33 -7.08 -24.34
N MET B 401 -31.48 -7.97 -23.84
CA MET B 401 -30.15 -8.21 -24.46
C MET B 401 -29.91 -9.71 -24.59
N GLU B 402 -29.23 -10.09 -25.66
CA GLU B 402 -28.67 -11.45 -25.85
C GLU B 402 -27.86 -11.82 -24.61
N LYS B 403 -28.10 -13.02 -24.07
CA LYS B 403 -27.33 -13.54 -22.90
C LYS B 403 -25.99 -14.04 -23.42
N ILE B 404 -24.90 -13.46 -22.92
CA ILE B 404 -23.51 -13.85 -23.30
C ILE B 404 -23.02 -14.81 -22.22
N GLU B 405 -22.63 -16.03 -22.60
CA GLU B 405 -22.15 -17.10 -21.68
CA GLU B 405 -22.15 -17.10 -21.68
C GLU B 405 -20.74 -17.50 -22.10
N PRO B 406 -19.68 -16.86 -21.54
CA PRO B 406 -18.31 -17.25 -21.89
C PRO B 406 -18.01 -18.65 -21.37
N GLU B 407 -16.99 -19.27 -21.96
CA GLU B 407 -16.41 -20.58 -21.52
C GLU B 407 -15.86 -20.40 -20.11
N PRO B 408 -16.44 -21.09 -19.10
CA PRO B 408 -15.90 -21.03 -17.74
C PRO B 408 -14.47 -21.57 -17.68
N PHE B 409 -13.67 -21.05 -16.75
CA PHE B 409 -12.31 -21.53 -16.43
C PHE B 409 -12.09 -21.45 -14.92
N GLU B 410 -11.02 -22.07 -14.44
CA GLU B 410 -10.72 -22.20 -12.99
C GLU B 410 -9.72 -21.11 -12.59
N ASN B 411 -10.02 -20.42 -11.50
CA ASN B 411 -9.04 -19.55 -10.84
C ASN B 411 -9.40 -19.49 -9.37
N CYS B 412 -8.60 -18.78 -8.59
CA CYS B 412 -8.79 -18.62 -7.13
C CYS B 412 -9.07 -17.14 -6.86
N LEU B 413 -10.22 -16.79 -6.28
CA LEU B 413 -10.63 -15.38 -6.07
C LEU B 413 -10.36 -15.04 -4.61
N LEU B 414 -9.50 -14.07 -4.37
CA LEU B 414 -9.11 -13.68 -3.00
C LEU B 414 -9.98 -12.50 -2.58
N ARG B 415 -10.74 -12.70 -1.52
CA ARG B 415 -11.63 -11.66 -0.94
C ARG B 415 -11.42 -11.65 0.57
N PRO B 416 -11.26 -10.46 1.19
CA PRO B 416 -11.02 -10.37 2.63
C PRO B 416 -12.14 -11.06 3.40
N GLY B 417 -11.76 -11.94 4.33
CA GLY B 417 -12.72 -12.64 5.21
C GLY B 417 -13.30 -13.90 4.57
N SER B 418 -12.91 -14.22 3.34
CA SER B 418 -13.35 -15.44 2.60
C SER B 418 -12.18 -16.39 2.44
N PRO B 419 -12.39 -17.72 2.59
CA PRO B 419 -11.31 -18.68 2.41
C PRO B 419 -10.88 -18.69 0.94
N ALA B 420 -9.58 -18.95 0.69
CA ALA B 420 -9.03 -19.19 -0.66
C ALA B 420 -9.62 -20.50 -1.17
N ARG B 421 -10.33 -20.43 -2.30
CA ARG B 421 -11.04 -21.54 -2.98
C ARG B 421 -10.80 -21.42 -4.49
N VAL B 422 -10.52 -22.54 -5.16
CA VAL B 422 -10.55 -22.62 -6.64
C VAL B 422 -12.00 -22.82 -7.09
N VAL B 423 -12.48 -22.00 -8.01
CA VAL B 423 -13.89 -22.01 -8.48
C VAL B 423 -13.92 -21.74 -9.97
N GLN B 424 -15.03 -22.11 -10.60
CA GLN B 424 -15.27 -21.81 -12.03
C GLN B 424 -15.65 -20.33 -12.14
N CYS B 425 -15.06 -19.66 -13.12
CA CYS B 425 -15.09 -18.19 -13.29
C CYS B 425 -15.32 -17.80 -14.74
N ILE B 426 -15.78 -16.57 -14.93
CA ILE B 426 -15.79 -15.89 -16.25
C ILE B 426 -15.25 -14.49 -16.04
N SER B 427 -14.85 -13.82 -17.12
CA SER B 427 -14.24 -12.47 -17.00
C SER B 427 -15.01 -11.46 -17.82
N GLU B 428 -14.76 -10.19 -17.50
CA GLU B 428 -15.12 -9.02 -18.33
C GLU B 428 -13.84 -8.27 -18.58
N LEU B 429 -13.58 -7.95 -19.83
CA LEU B 429 -12.39 -7.18 -20.25
C LEU B 429 -12.83 -5.75 -20.52
N GLY B 430 -12.24 -4.82 -19.79
CA GLY B 430 -12.48 -3.38 -20.00
C GLY B 430 -11.27 -2.73 -20.65
N ILE B 431 -11.53 -1.75 -21.51
CA ILE B 431 -10.49 -0.87 -22.10
C ILE B 431 -10.83 0.55 -21.66
N PHE B 432 -9.83 1.29 -21.15
CA PHE B 432 -10.00 2.69 -20.71
C PHE B 432 -9.79 3.61 -21.90
N GLY B 433 -10.78 4.48 -22.12
CA GLY B 433 -10.71 5.52 -23.17
C GLY B 433 -10.55 6.90 -22.57
N VAL B 434 -9.77 7.73 -23.25
CA VAL B 434 -9.59 9.16 -22.88
C VAL B 434 -9.66 9.97 -24.16
N TYR B 435 -10.52 10.98 -24.16
CA TYR B 435 -10.52 11.98 -25.24
C TYR B 435 -10.79 13.36 -24.66
N VAL B 436 -10.24 14.37 -25.33
CA VAL B 436 -10.37 15.79 -24.93
C VAL B 436 -10.60 16.60 -26.21
N ARG B 437 -11.55 17.51 -26.12
CA ARG B 437 -11.99 18.36 -27.23
C ARG B 437 -12.05 19.82 -26.76
N GLN B 438 -11.56 20.73 -27.59
CA GLN B 438 -11.77 22.19 -27.38
C GLN B 438 -12.74 22.66 -28.46
N GLU B 439 -13.96 23.02 -28.06
CA GLU B 439 -15.05 23.36 -29.01
C GLU B 439 -15.21 22.22 -30.00
N LYS B 440 -14.86 22.41 -31.28
CA LYS B 440 -15.08 21.40 -32.34
C LYS B 440 -13.79 20.61 -32.59
N THR B 441 -12.70 20.91 -31.88
CA THR B 441 -11.35 20.42 -32.20
C THR B 441 -11.01 19.27 -31.24
N LEU B 442 -10.87 18.06 -31.76
CA LEU B 442 -10.42 16.89 -30.95
C LEU B 442 -8.92 17.01 -30.72
N VAL B 443 -8.47 17.09 -29.48
CA VAL B 443 -7.04 17.35 -29.15
C VAL B 443 -6.38 16.06 -28.65
N MET B 444 -7.16 15.13 -28.10
CA MET B 444 -6.66 13.84 -27.58
C MET B 444 -7.73 12.79 -27.80
N ASN B 445 -7.33 11.61 -28.23
CA ASN B 445 -8.25 10.46 -28.43
C ASN B 445 -7.43 9.18 -28.36
N LYS B 446 -7.55 8.44 -27.27
CA LYS B 446 -6.66 7.28 -27.10
C LYS B 446 -7.27 6.25 -26.16
N HIS B 447 -6.70 5.08 -26.23
CA HIS B 447 -6.84 4.06 -25.16
C HIS B 447 -5.66 4.27 -24.20
N VAL B 448 -5.83 3.96 -22.91
CA VAL B 448 -4.78 4.21 -21.89
C VAL B 448 -4.50 2.99 -21.03
N GLY B 449 -5.22 1.90 -21.25
CA GLY B 449 -4.92 0.64 -20.56
C GLY B 449 -6.15 -0.26 -20.49
N HIS B 450 -6.04 -1.33 -19.73
CA HIS B 450 -7.09 -2.36 -19.64
C HIS B 450 -7.43 -2.67 -18.19
N LEU B 451 -8.55 -3.35 -18.02
CA LEU B 451 -9.03 -3.90 -16.74
C LEU B 451 -9.65 -5.26 -17.04
N LEU B 452 -9.06 -6.33 -16.52
CA LEU B 452 -9.73 -7.65 -16.54
C LEU B 452 -10.32 -7.84 -15.14
N ARG B 453 -11.61 -8.10 -15.06
CA ARG B 453 -12.29 -8.48 -13.79
CA ARG B 453 -12.22 -8.51 -13.77
C ARG B 453 -12.86 -9.88 -13.95
N THR B 454 -12.86 -10.66 -12.88
CA THR B 454 -13.23 -12.07 -12.94
C THR B 454 -14.22 -12.36 -11.81
N LYS B 455 -15.26 -13.13 -12.12
CA LYS B 455 -16.31 -13.43 -11.12
C LYS B 455 -16.57 -14.94 -11.16
N ALA B 456 -16.93 -15.49 -10.00
CA ALA B 456 -17.38 -16.89 -9.87
C ALA B 456 -18.68 -17.07 -10.64
N ILE B 457 -18.85 -18.23 -11.28
CA ILE B 457 -20.09 -18.60 -12.02
C ILE B 457 -21.08 -19.19 -11.01
N GLY B 467 -21.58 -13.11 -7.07
CA GLY B 467 -20.63 -12.48 -6.15
C GLY B 467 -19.85 -11.37 -6.84
N VAL B 468 -18.90 -10.75 -6.13
CA VAL B 468 -18.23 -9.50 -6.63
C VAL B 468 -17.25 -9.91 -7.73
N ALA B 469 -17.09 -9.06 -8.74
CA ALA B 469 -15.99 -9.13 -9.72
C ALA B 469 -14.70 -8.77 -8.98
N VAL B 470 -13.61 -9.49 -9.26
CA VAL B 470 -12.29 -9.25 -8.60
C VAL B 470 -11.28 -8.82 -9.68
N LEU B 471 -10.27 -8.09 -9.26
CA LEU B 471 -9.23 -7.56 -10.17
C LEU B 471 -8.38 -8.72 -10.71
N ASP B 472 -8.01 -8.62 -11.99
CA ASP B 472 -7.28 -9.71 -12.68
C ASP B 472 -6.31 -9.05 -13.65
N ASN B 473 -5.47 -9.85 -14.31
CA ASN B 473 -4.61 -9.37 -15.42
C ASN B 473 -4.74 -10.35 -16.57
N PRO B 474 -4.84 -9.86 -17.82
CA PRO B 474 -4.98 -10.73 -18.98
C PRO B 474 -3.63 -11.30 -19.43
N TYR B 475 -3.40 -12.58 -19.16
CA TYR B 475 -2.15 -13.28 -19.53
C TYR B 475 -2.24 -13.66 -21.00
N PRO B 476 -1.31 -13.15 -21.86
CA PRO B 476 -1.44 -13.29 -23.31
C PRO B 476 -1.21 -14.73 -23.77
N VAL B 477 -2.15 -15.29 -24.52
CA VAL B 477 -2.02 -16.64 -25.17
C VAL B 477 -2.45 -16.55 -26.63
S SO4 C . 9.91 -6.31 14.29
O1 SO4 C . 11.22 -6.38 14.88
O2 SO4 C . 8.99 -7.11 15.08
O3 SO4 C . 9.45 -4.94 14.26
O4 SO4 C . 9.94 -6.83 12.97
S SO4 D . 11.90 -0.98 17.71
O1 SO4 D . 12.30 -1.43 19.02
O2 SO4 D . 11.39 -2.10 16.96
O3 SO4 D . 13.04 -0.44 17.03
O4 SO4 D . 10.89 0.02 17.83
S SO4 E . 11.02 8.84 -3.25
O1 SO4 E . 12.21 9.32 -2.55
O2 SO4 E . 10.69 7.52 -2.79
O3 SO4 E . 9.91 9.74 -3.02
O4 SO4 E . 11.30 8.80 -4.67
C1 GOL F . 4.44 24.65 13.24
C1 GOL F . 3.86 21.87 12.38
O1 GOL F . 4.03 25.67 14.13
O1 GOL F . 5.08 21.86 11.62
C2 GOL F . 3.50 23.46 13.29
C2 GOL F . 3.40 23.29 12.68
O2 GOL F . 2.17 23.88 13.03
O2 GOL F . 2.06 23.26 13.15
C3 GOL F . 3.88 22.35 12.32
C3 GOL F . 4.30 24.02 13.65
O3 GOL F . 3.01 21.24 12.43
O3 GOL F . 3.83 25.35 13.89
S SO4 G . -16.14 4.35 -7.99
O1 SO4 G . -15.09 5.31 -7.85
O2 SO4 G . -15.60 3.00 -7.96
O3 SO4 G . -16.83 4.55 -9.24
O4 SO4 G . -17.07 4.50 -6.90
S SO4 H . -18.05 -0.74 -11.71
O1 SO4 H . -17.42 -0.63 -12.98
O2 SO4 H . -17.81 -2.05 -11.15
O3 SO4 H . -17.52 0.26 -10.80
O4 SO4 H . -19.47 -0.55 -11.85
S SO4 I . 4.98 -3.77 -13.18
O1 SO4 I . 5.10 -5.00 -12.43
O2 SO4 I . 6.31 -3.24 -13.42
O3 SO4 I . 4.22 -2.81 -12.41
O4 SO4 I . 4.33 -4.00 -14.44
#